data_4X4V
#
_entry.id   4X4V
#
_cell.length_a   111.059
_cell.length_b   215.602
_cell.length_c   58.629
_cell.angle_alpha   90.000
_cell.angle_beta   90.000
_cell.angle_gamma   90.000
#
_symmetry.space_group_name_H-M   'P 21 21 2'
#
loop_
_entity.id
_entity.type
_entity.pdbx_description
1 polymer 'CCA-adding enzyme'
2 polymer 'Human MenBeta minihelix ending in CCACC'
3 non-polymer 'DIPHOSPHOMETHYLPHOSPHONIC ACID ADENOSYL ESTER'
4 non-polymer 'MAGNESIUM ION'
5 non-polymer 'D(-)-TARTARIC ACID'
6 non-polymer '2-(N-MORPHOLINO)-ETHANESULFONIC ACID'
7 non-polymer "GUANOSINE-5'-MONOPHOSPHATE"
8 water water
#
loop_
_entity_poly.entity_id
_entity_poly.type
_entity_poly.pdbx_seq_one_letter_code
_entity_poly.pdbx_strand_id
1 'polypeptide(L)'
;MKVEEILEKALELVIPDEEEVRKGREAEEELRRRLDELGVEYVFVGSYARNTWLKGSLEIDVFLLFPEEFSKEELRERGL
EIGKAVLDSYEIRYAEHPYVHGVVKGVEVDVVPCYKLKEPKNIKSAVDRTPFHHKWLEGRIKGKENEVRLLKGFLKANGI
YGAEYKVRGFSGYLCELLIVFYGSFLETVKNARRWTRRTVIDVAKGEVRKGEEFFVVDPVDEKRNVAANLSLDNLARFVH
LCREFMEAPSLGFFKPKHPLEIEPERLRKIVEERGTAVFAVKFRKPDIVDDNLYPQLERASRKIFEFLERENFMPLRSAF
KASEEFCYLLFECQIKEISRVFRRMGPQFEDERNVKKFLSRNRAFRPFIENGRWWAFEMRKFTTPEEGVRSYASTHWHTL
GKNVGESIREYFEIISGEKLFKEPVTAELCEMMGVKDSNSSSVDKLAAALEHHHHHH
;
A,C
2 'polyribonucleotide' GGCGCUGCGGGGUUCGAGUCCCCGCAGUGUUGCCACC B,D
#
loop_
_chem_comp.id
_chem_comp.type
_chem_comp.name
_chem_comp.formula
5GP non-polymer GUANOSINE-5'-MONOPHOSPHATE 'C10 H14 N5 O8 P'
A RNA linking ADENOSINE-5'-MONOPHOSPHATE 'C10 H14 N5 O7 P'
APC non-polymer 'DIPHOSPHOMETHYLPHOSPHONIC ACID ADENOSYL ESTER' 'C11 H18 N5 O12 P3'
C RNA linking CYTIDINE-5'-MONOPHOSPHATE 'C9 H14 N3 O8 P'
G RNA linking GUANOSINE-5'-MONOPHOSPHATE 'C10 H14 N5 O8 P'
MES non-polymer '2-(N-MORPHOLINO)-ETHANESULFONIC ACID' 'C6 H13 N O4 S'
MG non-polymer 'MAGNESIUM ION' 'Mg 2'
TAR non-polymer 'D(-)-TARTARIC ACID' 'C4 H6 O6'
U RNA linking URIDINE-5'-MONOPHOSPHATE 'C9 H13 N2 O9 P'
#
# COMPACT_ATOMS: atom_id res chain seq x y z
N MET A 1 5.97 -44.66 -20.04
CA MET A 1 4.63 -44.05 -19.81
C MET A 1 4.22 -43.18 -21.00
N LYS A 2 3.90 -43.83 -22.11
CA LYS A 2 3.36 -43.15 -23.29
C LYS A 2 1.95 -42.65 -23.00
N VAL A 3 1.57 -41.52 -23.62
CA VAL A 3 0.28 -40.89 -23.35
C VAL A 3 -0.88 -41.87 -23.51
N GLU A 4 -0.77 -42.74 -24.51
CA GLU A 4 -1.84 -43.66 -24.86
C GLU A 4 -2.06 -44.72 -23.75
N GLU A 5 -0.98 -45.19 -23.14
CA GLU A 5 -1.06 -46.28 -22.18
C GLU A 5 -1.41 -45.80 -20.77
N ILE A 6 -1.24 -44.51 -20.51
CA ILE A 6 -1.70 -43.92 -19.25
C ILE A 6 -3.23 -43.88 -19.27
N LEU A 7 -3.77 -43.51 -20.43
CA LEU A 7 -5.20 -43.41 -20.65
C LEU A 7 -5.93 -44.74 -20.53
N GLU A 8 -5.28 -45.84 -20.86
CA GLU A 8 -5.89 -47.16 -20.70
C GLU A 8 -5.78 -47.63 -19.26
N LYS A 9 -4.69 -47.28 -18.59
CA LYS A 9 -4.59 -47.57 -17.17
C LYS A 9 -5.58 -46.71 -16.39
N ALA A 10 -5.87 -45.52 -16.90
CA ALA A 10 -6.83 -44.64 -16.26
C ALA A 10 -8.27 -45.15 -16.39
N LEU A 11 -8.57 -45.89 -17.45
CA LEU A 11 -9.92 -46.44 -17.62
C LEU A 11 -10.31 -47.38 -16.49
N GLU A 12 -9.36 -48.06 -15.90
CA GLU A 12 -9.66 -48.98 -14.80
C GLU A 12 -10.12 -48.23 -13.57
N LEU A 13 -9.81 -46.93 -13.51
CA LEU A 13 -10.17 -46.07 -12.39
C LEU A 13 -11.51 -45.36 -12.58
N VAL A 14 -11.95 -45.21 -13.84
CA VAL A 14 -13.15 -44.42 -14.11
C VAL A 14 -14.33 -45.25 -14.64
N ILE A 15 -14.05 -46.37 -15.29
CA ILE A 15 -15.12 -47.25 -15.80
C ILE A 15 -15.63 -48.17 -14.70
N PRO A 16 -16.94 -48.19 -14.46
CA PRO A 16 -17.43 -49.06 -13.37
C PRO A 16 -17.32 -50.54 -13.72
N ASP A 17 -17.24 -51.41 -12.71
CA ASP A 17 -17.18 -52.85 -12.98
C ASP A 17 -18.58 -53.42 -13.07
N GLU A 18 -18.69 -54.73 -13.27
CA GLU A 18 -19.97 -55.33 -13.57
C GLU A 18 -20.92 -55.37 -12.39
N GLU A 19 -20.41 -55.59 -11.19
CA GLU A 19 -21.26 -55.59 -10.01
C GLU A 19 -22.07 -54.29 -9.92
N GLU A 20 -21.41 -53.16 -10.20
CA GLU A 20 -22.02 -51.87 -10.02
C GLU A 20 -23.01 -51.61 -11.14
N VAL A 21 -22.65 -52.02 -12.34
CA VAL A 21 -23.53 -51.84 -13.48
C VAL A 21 -24.81 -52.65 -13.27
N ARG A 22 -24.66 -53.85 -12.74
CA ARG A 22 -25.77 -54.76 -12.51
C ARG A 22 -26.69 -54.20 -11.41
N LYS A 23 -26.10 -53.61 -10.37
CA LYS A 23 -26.88 -53.03 -9.28
C LYS A 23 -27.77 -51.92 -9.79
N GLY A 24 -27.22 -51.12 -10.69
CA GLY A 24 -27.95 -50.04 -11.31
C GLY A 24 -29.08 -50.56 -12.15
N ARG A 25 -28.81 -51.60 -12.97
CA ARG A 25 -29.84 -52.18 -13.84
C ARG A 25 -31.02 -52.68 -13.02
N GLU A 26 -30.75 -53.42 -11.96
CA GLU A 26 -31.80 -53.92 -11.11
C GLU A 26 -32.61 -52.77 -10.50
N ALA A 27 -31.93 -51.73 -10.02
CA ALA A 27 -32.61 -50.56 -9.46
C ALA A 27 -33.45 -49.85 -10.55
N GLU A 28 -32.84 -49.60 -11.70
CA GLU A 28 -33.55 -49.09 -12.87
C GLU A 28 -34.82 -49.89 -13.18
N GLU A 29 -34.68 -51.21 -13.25
CA GLU A 29 -35.79 -52.09 -13.59
C GLU A 29 -36.90 -51.95 -12.56
N GLU A 30 -36.51 -51.86 -11.29
CA GLU A 30 -37.48 -51.79 -10.21
C GLU A 30 -38.15 -50.41 -10.18
N LEU A 31 -37.40 -49.38 -10.56
CA LEU A 31 -37.96 -48.05 -10.61
C LEU A 31 -39.01 -47.96 -11.70
N ARG A 32 -38.70 -48.50 -12.87
CA ARG A 32 -39.65 -48.47 -13.98
C ARG A 32 -40.92 -49.14 -13.56
N ARG A 33 -40.81 -50.28 -12.90
CA ARG A 33 -41.96 -51.06 -12.50
C ARG A 33 -42.86 -50.25 -11.57
N ARG A 34 -42.25 -49.56 -10.60
CA ARG A 34 -43.01 -48.71 -9.68
C ARG A 34 -43.62 -47.49 -10.36
N LEU A 35 -42.88 -46.81 -11.21
CA LEU A 35 -43.43 -45.65 -11.88
C LEU A 35 -44.51 -46.05 -12.89
N ASP A 36 -44.39 -47.23 -13.49
CA ASP A 36 -45.35 -47.69 -14.48
C ASP A 36 -46.68 -47.96 -13.79
N GLU A 37 -46.60 -48.47 -12.57
CA GLU A 37 -47.77 -48.78 -11.77
C GLU A 37 -48.56 -47.51 -11.44
N LEU A 38 -47.87 -46.37 -11.35
CA LEU A 38 -48.48 -45.10 -10.95
C LEU A 38 -49.02 -44.33 -12.15
N GLY A 39 -48.69 -44.78 -13.35
CA GLY A 39 -49.18 -44.16 -14.56
C GLY A 39 -48.83 -42.70 -14.75
N VAL A 40 -47.70 -42.27 -14.20
CA VAL A 40 -47.22 -40.90 -14.37
C VAL A 40 -46.15 -40.85 -15.45
N GLU A 41 -46.05 -39.70 -16.11
CA GLU A 41 -45.08 -39.55 -17.17
C GLU A 41 -43.71 -39.24 -16.56
N TYR A 42 -42.71 -40.01 -16.98
CA TYR A 42 -41.38 -39.88 -16.42
C TYR A 42 -40.33 -40.13 -17.49
N VAL A 43 -39.09 -39.78 -17.19
CA VAL A 43 -37.99 -39.97 -18.13
C VAL A 43 -36.65 -40.06 -17.39
N PHE A 44 -35.88 -41.12 -17.70
CA PHE A 44 -34.55 -41.30 -17.13
C PHE A 44 -33.55 -40.41 -17.85
N VAL A 45 -32.86 -39.55 -17.10
CA VAL A 45 -31.90 -38.63 -17.68
C VAL A 45 -30.56 -38.71 -16.94
N GLY A 46 -29.66 -37.77 -17.25
CA GLY A 46 -28.36 -37.71 -16.61
C GLY A 46 -27.38 -38.82 -16.97
N SER A 47 -26.31 -38.92 -16.18
CA SER A 47 -25.20 -39.80 -16.47
C SER A 47 -25.64 -41.25 -16.49
N TYR A 48 -26.64 -41.62 -15.70
CA TYR A 48 -27.06 -43.01 -15.69
C TYR A 48 -27.76 -43.39 -17.00
N ALA A 49 -28.56 -42.47 -17.54
CA ALA A 49 -29.30 -42.75 -18.76
C ALA A 49 -28.39 -42.78 -19.99
N ARG A 50 -27.23 -42.12 -19.90
CA ARG A 50 -26.26 -42.08 -21.01
C ARG A 50 -25.03 -42.97 -20.78
N ASN A 51 -24.99 -43.71 -19.67
CA ASN A 51 -23.86 -44.56 -19.35
C ASN A 51 -22.51 -43.80 -19.33
N THR A 52 -22.47 -42.71 -18.58
CA THR A 52 -21.26 -41.91 -18.44
C THR A 52 -20.98 -41.58 -16.99
N TRP A 53 -21.50 -42.41 -16.06
CA TRP A 53 -21.27 -42.22 -14.64
C TRP A 53 -19.94 -42.84 -14.22
N LEU A 54 -19.25 -42.23 -13.26
CA LEU A 54 -17.95 -42.73 -12.81
C LEU A 54 -18.05 -43.95 -11.94
N LYS A 55 -17.07 -44.82 -12.06
CA LYS A 55 -16.92 -45.96 -11.15
C LYS A 55 -17.02 -45.46 -9.72
N GLY A 56 -17.83 -46.15 -8.93
CA GLY A 56 -18.03 -45.82 -7.53
C GLY A 56 -19.04 -44.73 -7.25
N SER A 57 -19.55 -44.06 -8.30
CA SER A 57 -20.50 -42.95 -8.12
C SER A 57 -21.84 -43.18 -8.83
N LEU A 58 -22.42 -44.36 -8.62
CA LEU A 58 -23.69 -44.71 -9.26
C LEU A 58 -24.84 -43.94 -8.61
N GLU A 59 -25.57 -43.19 -9.43
CA GLU A 59 -26.76 -42.47 -9.01
C GLU A 59 -27.69 -42.37 -10.24
N ILE A 60 -28.97 -42.64 -10.01
CA ILE A 60 -29.98 -42.58 -11.06
C ILE A 60 -30.87 -41.35 -10.95
N ASP A 61 -30.95 -40.58 -12.02
CA ASP A 61 -31.83 -39.41 -12.06
C ASP A 61 -33.12 -39.76 -12.81
N VAL A 62 -34.25 -39.59 -12.14
CA VAL A 62 -35.55 -39.77 -12.78
C VAL A 62 -36.39 -38.50 -12.72
N PHE A 63 -36.84 -38.02 -13.89
CA PHE A 63 -37.64 -36.81 -13.98
C PHE A 63 -39.13 -37.11 -14.13
N LEU A 64 -39.97 -36.26 -13.54
CA LEU A 64 -41.42 -36.39 -13.67
C LEU A 64 -41.96 -35.22 -14.48
N LEU A 65 -42.51 -35.51 -15.66
CA LEU A 65 -43.00 -34.44 -16.52
C LEU A 65 -44.43 -34.05 -16.16
N PHE A 66 -44.59 -32.85 -15.59
CA PHE A 66 -45.90 -32.34 -15.21
C PHE A 66 -46.43 -31.29 -16.18
N PRO A 67 -47.75 -31.13 -16.25
CA PRO A 67 -48.30 -30.13 -17.18
C PRO A 67 -47.90 -28.70 -16.80
N GLU A 68 -47.62 -27.89 -17.82
CA GLU A 68 -47.05 -26.56 -17.65
C GLU A 68 -47.95 -25.57 -16.88
N GLU A 69 -49.27 -25.78 -16.93
CA GLU A 69 -50.21 -24.95 -16.22
C GLU A 69 -50.05 -25.04 -14.69
N PHE A 70 -49.56 -26.17 -14.18
CA PHE A 70 -49.37 -26.35 -12.74
C PHE A 70 -48.56 -25.21 -12.11
N SER A 71 -48.98 -24.79 -10.93
CA SER A 71 -48.22 -23.83 -10.15
C SER A 71 -47.02 -24.52 -9.52
N LYS A 72 -46.05 -23.71 -9.07
CA LYS A 72 -44.85 -24.24 -8.44
C LYS A 72 -45.20 -25.06 -7.21
N GLU A 73 -46.29 -24.68 -6.55
CA GLU A 73 -46.75 -25.40 -5.36
C GLU A 73 -47.29 -26.77 -5.74
N GLU A 74 -48.05 -26.85 -6.83
CA GLU A 74 -48.59 -28.13 -7.26
C GLU A 74 -47.45 -29.03 -7.73
N LEU A 75 -46.45 -28.43 -8.36
CA LEU A 75 -45.28 -29.18 -8.82
C LEU A 75 -44.57 -29.81 -7.63
N ARG A 76 -44.31 -28.99 -6.61
CA ARG A 76 -43.71 -29.48 -5.38
C ARG A 76 -44.54 -30.62 -4.75
N GLU A 77 -45.84 -30.39 -4.56
CA GLU A 77 -46.71 -31.35 -3.86
C GLU A 77 -46.75 -32.69 -4.55
N ARG A 78 -46.96 -32.68 -5.86
CA ARG A 78 -47.07 -33.91 -6.62
C ARG A 78 -45.72 -34.59 -6.74
N GLY A 79 -44.67 -33.79 -6.94
CA GLY A 79 -43.34 -34.32 -7.10
C GLY A 79 -42.90 -35.13 -5.90
N LEU A 80 -43.00 -34.51 -4.72
CA LEU A 80 -42.63 -35.14 -3.46
C LEU A 80 -43.51 -36.34 -3.11
N GLU A 81 -44.78 -36.27 -3.45
CA GLU A 81 -45.68 -37.40 -3.22
C GLU A 81 -45.24 -38.67 -3.96
N ILE A 82 -44.98 -38.53 -5.26
CA ILE A 82 -44.58 -39.66 -6.09
C ILE A 82 -43.19 -40.16 -5.74
N GLY A 83 -42.28 -39.22 -5.44
CA GLY A 83 -40.93 -39.56 -5.02
C GLY A 83 -40.92 -40.47 -3.78
N LYS A 84 -41.72 -40.10 -2.79
CA LYS A 84 -41.81 -40.88 -1.56
C LYS A 84 -42.48 -42.24 -1.80
N ALA A 85 -43.31 -42.32 -2.82
CA ALA A 85 -44.03 -43.56 -3.10
C ALA A 85 -43.19 -44.58 -3.87
N VAL A 86 -42.15 -44.10 -4.55
CA VAL A 86 -41.34 -44.92 -5.45
C VAL A 86 -40.02 -45.37 -4.82
N LEU A 87 -39.59 -44.68 -3.76
CA LEU A 87 -38.32 -44.94 -3.11
C LEU A 87 -38.47 -45.72 -1.80
N ASP A 88 -37.49 -46.60 -1.54
CA ASP A 88 -37.48 -47.43 -0.32
C ASP A 88 -37.30 -46.57 0.93
N SER A 89 -36.36 -45.65 0.86
CA SER A 89 -36.15 -44.67 1.91
C SER A 89 -35.83 -43.35 1.21
N TYR A 90 -36.02 -42.24 1.91
CA TYR A 90 -35.88 -40.94 1.28
C TYR A 90 -35.53 -39.83 2.27
N GLU A 91 -34.95 -38.76 1.73
CA GLU A 91 -34.65 -37.56 2.47
C GLU A 91 -35.06 -36.43 1.54
N ILE A 92 -35.71 -35.40 2.08
CA ILE A 92 -36.06 -34.23 1.28
C ILE A 92 -35.23 -33.07 1.79
N ARG A 93 -34.37 -32.53 0.92
CA ARG A 93 -33.52 -31.42 1.30
C ARG A 93 -33.01 -30.72 0.05
N TYR A 94 -33.26 -29.43 -0.01
CA TYR A 94 -32.97 -28.67 -1.23
C TYR A 94 -33.05 -27.18 -0.96
N ALA A 95 -32.49 -26.38 -1.86
CA ALA A 95 -32.41 -24.94 -1.71
C ALA A 95 -33.59 -24.20 -2.31
N GLU A 96 -34.00 -24.58 -3.52
CA GLU A 96 -35.11 -23.90 -4.20
C GLU A 96 -36.00 -24.83 -4.98
N HIS A 97 -35.41 -25.65 -5.84
CA HIS A 97 -36.19 -26.59 -6.64
C HIS A 97 -36.44 -27.90 -5.90
N PRO A 98 -37.72 -28.26 -5.74
CA PRO A 98 -38.00 -29.42 -4.89
C PRO A 98 -37.66 -30.70 -5.59
N TYR A 99 -37.18 -31.67 -4.82
CA TYR A 99 -36.97 -33.01 -5.33
C TYR A 99 -36.85 -33.95 -4.17
N VAL A 100 -36.70 -35.23 -4.46
CA VAL A 100 -36.61 -36.26 -3.44
C VAL A 100 -35.37 -37.08 -3.71
N HIS A 101 -34.50 -37.16 -2.72
CA HIS A 101 -33.32 -38.00 -2.82
C HIS A 101 -33.61 -39.25 -2.03
N GLY A 102 -33.28 -40.42 -2.57
CA GLY A 102 -33.51 -41.65 -1.83
C GLY A 102 -32.77 -42.85 -2.37
N VAL A 103 -33.28 -44.02 -2.05
CA VAL A 103 -32.62 -45.27 -2.41
C VAL A 103 -33.62 -46.28 -2.99
N VAL A 104 -33.17 -47.04 -3.98
CA VAL A 104 -33.94 -48.18 -4.47
C VAL A 104 -32.98 -49.34 -4.65
N LYS A 105 -33.19 -50.40 -3.87
CA LYS A 105 -32.35 -51.58 -3.93
C LYS A 105 -30.87 -51.22 -3.83
N GLY A 106 -30.53 -50.41 -2.84
CA GLY A 106 -29.16 -50.08 -2.54
C GLY A 106 -28.54 -49.00 -3.42
N VAL A 107 -29.29 -48.54 -4.43
CA VAL A 107 -28.80 -47.54 -5.37
C VAL A 107 -29.42 -46.18 -5.09
N GLU A 108 -28.62 -45.13 -5.12
CA GLU A 108 -29.12 -43.77 -4.88
C GLU A 108 -29.85 -43.19 -6.11
N VAL A 109 -30.95 -42.49 -5.83
CA VAL A 109 -31.88 -42.02 -6.83
C VAL A 109 -32.41 -40.63 -6.49
N ASP A 110 -32.44 -39.75 -7.49
CA ASP A 110 -33.07 -38.44 -7.39
C ASP A 110 -34.33 -38.44 -8.25
N VAL A 111 -35.47 -38.25 -7.61
CA VAL A 111 -36.73 -38.06 -8.29
C VAL A 111 -37.04 -36.56 -8.35
N VAL A 112 -37.05 -36.01 -9.55
CA VAL A 112 -37.13 -34.56 -9.74
C VAL A 112 -38.34 -34.20 -10.59
N PRO A 113 -39.28 -33.42 -10.04
CA PRO A 113 -40.40 -32.97 -10.86
C PRO A 113 -39.96 -31.84 -11.78
N CYS A 114 -40.53 -31.72 -12.96
CA CYS A 114 -40.33 -30.54 -13.80
C CYS A 114 -41.56 -30.36 -14.70
N TYR A 115 -41.53 -29.34 -15.56
CA TYR A 115 -42.65 -29.07 -16.44
C TYR A 115 -42.40 -29.69 -17.80
N LYS A 116 -43.41 -30.36 -18.34
CA LYS A 116 -43.36 -30.88 -19.70
C LYS A 116 -43.52 -29.75 -20.73
N LEU A 117 -42.42 -29.08 -21.05
CA LEU A 117 -42.41 -28.03 -22.06
C LEU A 117 -42.21 -28.63 -23.43
N LYS A 118 -42.67 -27.92 -24.45
CA LYS A 118 -42.28 -28.19 -25.83
C LYS A 118 -41.31 -27.07 -26.09
N GLU A 119 -40.08 -27.41 -26.44
CA GLU A 119 -39.02 -26.41 -26.59
C GLU A 119 -38.66 -25.76 -25.23
N PRO A 120 -37.35 -25.60 -24.95
CA PRO A 120 -36.95 -25.01 -23.67
C PRO A 120 -36.39 -23.60 -23.81
N LYS A 121 -37.05 -22.78 -24.61
CA LYS A 121 -36.57 -21.42 -24.82
C LYS A 121 -36.78 -20.62 -23.54
N ASN A 122 -37.98 -20.71 -22.97
CA ASN A 122 -38.31 -19.98 -21.76
C ASN A 122 -38.88 -20.91 -20.71
N ILE A 123 -38.07 -21.20 -19.69
CA ILE A 123 -38.38 -22.26 -18.76
C ILE A 123 -39.05 -21.75 -17.51
N LYS A 124 -39.84 -22.61 -16.88
CA LYS A 124 -40.67 -22.24 -15.75
C LYS A 124 -40.10 -22.74 -14.41
N SER A 125 -39.36 -23.85 -14.44
CA SER A 125 -38.62 -24.30 -13.26
C SER A 125 -37.15 -24.42 -13.65
N ALA A 126 -36.27 -24.46 -12.66
CA ALA A 126 -34.83 -24.36 -12.91
C ALA A 126 -34.24 -25.57 -13.61
N VAL A 127 -34.99 -26.68 -13.64
CA VAL A 127 -34.47 -27.95 -14.14
C VAL A 127 -35.05 -28.35 -15.50
N ASP A 128 -35.86 -27.47 -16.09
CA ASP A 128 -36.67 -27.85 -17.25
C ASP A 128 -35.85 -28.17 -18.48
N ARG A 129 -34.58 -27.76 -18.48
CA ARG A 129 -33.71 -28.01 -19.63
C ARG A 129 -33.26 -29.47 -19.68
N THR A 130 -33.17 -30.11 -18.52
CA THR A 130 -32.56 -31.43 -18.41
C THR A 130 -33.09 -32.55 -19.35
N PRO A 131 -34.41 -32.68 -19.50
CA PRO A 131 -34.92 -33.64 -20.50
C PRO A 131 -34.42 -33.34 -21.91
N PHE A 132 -34.26 -32.06 -22.24
CA PHE A 132 -33.77 -31.64 -23.56
C PHE A 132 -32.26 -31.83 -23.76
N HIS A 133 -31.50 -31.73 -22.65
CA HIS A 133 -30.09 -32.07 -22.62
C HIS A 133 -29.96 -33.54 -22.99
N HIS A 134 -30.85 -34.36 -22.46
CA HIS A 134 -30.74 -35.79 -22.70
C HIS A 134 -31.04 -36.13 -24.15
N LYS A 135 -32.11 -35.55 -24.70
CA LYS A 135 -32.48 -35.78 -26.09
C LYS A 135 -31.37 -35.33 -27.05
N TRP A 136 -30.79 -34.16 -26.78
CA TRP A 136 -29.73 -33.63 -27.64
C TRP A 136 -28.48 -34.50 -27.62
N LEU A 137 -28.18 -35.05 -26.46
CA LEU A 137 -26.93 -35.76 -26.24
C LEU A 137 -26.95 -37.24 -26.60
N GLU A 138 -28.09 -37.88 -26.47
CA GLU A 138 -28.11 -39.34 -26.48
C GLU A 138 -27.58 -39.92 -27.79
N GLY A 139 -27.87 -39.24 -28.89
CA GLY A 139 -27.42 -39.71 -30.19
C GLY A 139 -25.99 -39.32 -30.50
N ARG A 140 -25.52 -38.22 -29.92
CA ARG A 140 -24.21 -37.68 -30.26
C ARG A 140 -23.11 -38.19 -29.37
N ILE A 141 -23.45 -38.88 -28.29
CA ILE A 141 -22.45 -39.30 -27.32
C ILE A 141 -22.13 -40.80 -27.39
N LYS A 142 -22.86 -41.54 -28.22
CA LYS A 142 -22.62 -42.97 -28.33
C LYS A 142 -21.20 -43.28 -28.80
N GLY A 143 -20.56 -44.21 -28.11
CA GLY A 143 -19.18 -44.55 -28.39
C GLY A 143 -18.18 -43.67 -27.67
N LYS A 144 -18.64 -42.55 -27.10
CA LYS A 144 -17.74 -41.63 -26.41
C LYS A 144 -17.85 -41.65 -24.88
N GLU A 145 -18.61 -42.60 -24.35
CA GLU A 145 -18.82 -42.70 -22.92
C GLU A 145 -17.52 -42.73 -22.10
N ASN A 146 -16.55 -43.51 -22.53
CA ASN A 146 -15.30 -43.62 -21.77
C ASN A 146 -14.43 -42.37 -21.84
N GLU A 147 -14.58 -41.60 -22.91
CA GLU A 147 -13.88 -40.33 -23.04
C GLU A 147 -14.44 -39.32 -22.02
N VAL A 148 -15.75 -39.35 -21.82
CA VAL A 148 -16.42 -38.52 -20.84
C VAL A 148 -15.99 -38.95 -19.46
N ARG A 149 -15.95 -40.25 -19.24
CA ARG A 149 -15.54 -40.77 -17.95
C ARG A 149 -14.12 -40.35 -17.60
N LEU A 150 -13.21 -40.42 -18.56
CA LEU A 150 -11.85 -39.96 -18.33
C LEU A 150 -11.82 -38.48 -17.94
N LEU A 151 -12.68 -37.66 -18.55
CA LEU A 151 -12.66 -36.23 -18.29
C LEU A 151 -13.19 -35.93 -16.88
N LYS A 152 -14.26 -36.62 -16.50
CA LYS A 152 -14.85 -36.46 -15.18
C LYS A 152 -13.88 -36.92 -14.09
N GLY A 153 -13.28 -38.10 -14.29
CA GLY A 153 -12.36 -38.66 -13.32
C GLY A 153 -11.17 -37.74 -13.11
N PHE A 154 -10.69 -37.18 -14.21
CA PHE A 154 -9.58 -36.23 -14.22
C PHE A 154 -9.90 -35.00 -13.37
N LEU A 155 -11.07 -34.43 -13.60
CA LEU A 155 -11.52 -33.25 -12.88
C LEU A 155 -11.77 -33.59 -11.41
N LYS A 156 -12.39 -34.74 -11.16
CA LYS A 156 -12.76 -35.08 -9.81
C LYS A 156 -11.51 -35.31 -8.96
N ALA A 157 -10.54 -36.01 -9.52
CA ALA A 157 -9.30 -36.31 -8.83
C ALA A 157 -8.56 -35.02 -8.49
N ASN A 158 -8.81 -33.98 -9.26
CA ASN A 158 -8.18 -32.68 -9.02
C ASN A 158 -9.11 -31.65 -8.41
N GLY A 159 -10.22 -32.11 -7.84
CA GLY A 159 -11.10 -31.26 -7.05
C GLY A 159 -11.88 -30.15 -7.75
N ILE A 160 -12.06 -30.24 -9.06
CA ILE A 160 -12.85 -29.25 -9.80
C ILE A 160 -13.99 -29.85 -10.61
N TYR A 161 -14.45 -31.03 -10.22
CA TYR A 161 -15.67 -31.60 -10.77
C TYR A 161 -16.93 -31.21 -9.96
N GLY A 162 -17.97 -30.76 -10.66
CA GLY A 162 -19.20 -30.31 -10.03
C GLY A 162 -19.32 -28.80 -10.06
N ALA A 163 -20.50 -28.33 -10.43
CA ALA A 163 -20.72 -26.90 -10.55
C ALA A 163 -21.41 -26.29 -9.33
N GLU A 164 -21.65 -27.09 -8.28
CA GLU A 164 -22.24 -26.56 -7.03
C GLU A 164 -21.28 -25.58 -6.33
N TYR A 165 -21.83 -24.66 -5.52
CA TYR A 165 -21.02 -23.57 -4.92
C TYR A 165 -19.87 -24.03 -4.03
N LYS A 166 -19.98 -25.20 -3.44
CA LYS A 166 -18.87 -25.75 -2.70
C LYS A 166 -17.62 -25.96 -3.57
N VAL A 167 -17.80 -26.13 -4.88
CA VAL A 167 -16.70 -26.48 -5.81
C VAL A 167 -16.47 -25.39 -6.86
N ARG A 168 -17.55 -24.85 -7.40
CA ARG A 168 -17.49 -23.89 -8.50
C ARG A 168 -16.65 -24.41 -9.69
N GLY A 169 -16.90 -25.68 -10.02
CA GLY A 169 -16.17 -26.37 -11.07
C GLY A 169 -16.98 -26.71 -12.31
N PHE A 170 -16.67 -27.86 -12.90
CA PHE A 170 -17.21 -28.27 -14.19
C PHE A 170 -18.31 -29.27 -13.95
N SER A 171 -19.52 -28.97 -14.42
CA SER A 171 -20.61 -29.91 -14.28
C SER A 171 -20.40 -31.12 -15.18
N GLY A 172 -21.12 -32.19 -14.90
CA GLY A 172 -21.07 -33.40 -15.71
C GLY A 172 -21.54 -33.15 -17.14
N TYR A 173 -22.68 -32.49 -17.27
CA TYR A 173 -23.21 -32.14 -18.57
C TYR A 173 -22.18 -31.34 -19.37
N LEU A 174 -21.57 -30.35 -18.74
CA LEU A 174 -20.50 -29.58 -19.38
C LEU A 174 -19.44 -30.50 -19.96
N CYS A 175 -19.09 -31.56 -19.22
CA CYS A 175 -18.08 -32.50 -19.67
C CYS A 175 -18.52 -33.22 -20.93
N GLU A 176 -19.80 -33.54 -21.01
CA GLU A 176 -20.32 -34.32 -22.10
C GLU A 176 -20.31 -33.49 -23.35
N LEU A 177 -20.57 -32.19 -23.18
CA LEU A 177 -20.57 -31.26 -24.30
C LEU A 177 -19.17 -31.04 -24.84
N LEU A 178 -18.16 -31.10 -23.96
CA LEU A 178 -16.78 -30.86 -24.38
C LEU A 178 -16.29 -32.04 -25.17
N ILE A 179 -16.72 -33.24 -24.78
CA ILE A 179 -16.37 -34.44 -25.49
C ILE A 179 -17.06 -34.47 -26.85
N VAL A 180 -18.29 -34.00 -26.91
CA VAL A 180 -18.99 -33.91 -28.18
C VAL A 180 -18.29 -32.91 -29.10
N PHE A 181 -17.71 -31.86 -28.52
CA PHE A 181 -17.11 -30.79 -29.32
C PHE A 181 -15.72 -31.16 -29.83
N TYR A 182 -14.93 -31.81 -28.99
CA TYR A 182 -13.55 -32.09 -29.31
C TYR A 182 -13.33 -33.52 -29.78
N GLY A 183 -14.28 -34.40 -29.49
CA GLY A 183 -14.24 -35.77 -29.96
C GLY A 183 -13.65 -36.77 -28.97
N SER A 184 -12.78 -36.31 -28.07
CA SER A 184 -12.16 -37.21 -27.11
C SER A 184 -11.56 -36.48 -25.91
N PHE A 185 -11.15 -37.23 -24.88
CA PHE A 185 -10.51 -36.65 -23.71
C PHE A 185 -9.17 -36.01 -24.08
N LEU A 186 -8.36 -36.71 -24.86
CA LEU A 186 -7.07 -36.19 -25.29
C LEU A 186 -7.18 -34.90 -26.12
N GLU A 187 -8.16 -34.80 -27.02
CA GLU A 187 -8.30 -33.56 -27.78
C GLU A 187 -8.82 -32.40 -26.94
N THR A 188 -9.67 -32.70 -25.97
CA THR A 188 -10.14 -31.67 -25.05
C THR A 188 -8.96 -31.09 -24.28
N VAL A 189 -8.15 -31.97 -23.69
CA VAL A 189 -6.99 -31.54 -22.93
C VAL A 189 -6.07 -30.67 -23.78
N LYS A 190 -5.75 -31.15 -24.98
CA LYS A 190 -4.82 -30.44 -25.86
C LYS A 190 -5.32 -29.04 -26.20
N ASN A 191 -6.59 -28.92 -26.53
CA ASN A 191 -7.14 -27.63 -26.89
C ASN A 191 -7.35 -26.72 -25.71
N ALA A 192 -7.67 -27.30 -24.56
CA ALA A 192 -7.91 -26.53 -23.34
C ALA A 192 -6.67 -25.74 -22.92
N ARG A 193 -5.49 -26.25 -23.27
CA ARG A 193 -4.24 -25.54 -22.99
C ARG A 193 -4.24 -24.11 -23.53
N ARG A 194 -5.09 -23.84 -24.51
CA ARG A 194 -5.16 -22.52 -25.14
C ARG A 194 -6.42 -21.73 -24.82
N TRP A 195 -7.25 -22.20 -23.90
CA TRP A 195 -8.42 -21.44 -23.46
C TRP A 195 -7.98 -20.16 -22.72
N THR A 196 -8.84 -19.15 -22.73
CA THR A 196 -8.60 -17.93 -21.96
C THR A 196 -9.88 -17.56 -21.29
N ARG A 197 -9.83 -16.53 -20.45
CA ARG A 197 -11.00 -16.12 -19.71
C ARG A 197 -12.09 -15.51 -20.62
N ARG A 198 -11.78 -15.38 -21.92
CA ARG A 198 -12.66 -14.78 -22.92
C ARG A 198 -13.21 -15.79 -23.91
N THR A 199 -12.83 -17.06 -23.75
CA THR A 199 -13.20 -18.11 -24.67
C THR A 199 -14.70 -18.43 -24.64
N VAL A 200 -15.27 -18.61 -25.83
CA VAL A 200 -16.68 -18.97 -25.97
C VAL A 200 -16.80 -20.22 -26.85
N ILE A 201 -17.23 -21.33 -26.25
CA ILE A 201 -17.38 -22.58 -26.99
C ILE A 201 -18.85 -22.80 -27.31
N ASP A 202 -19.21 -22.75 -28.59
CA ASP A 202 -20.61 -22.84 -29.03
C ASP A 202 -20.83 -24.14 -29.79
N VAL A 203 -21.15 -25.20 -29.06
CA VAL A 203 -21.20 -26.56 -29.60
C VAL A 203 -22.22 -26.70 -30.74
N ALA A 204 -23.38 -26.08 -30.61
CA ALA A 204 -24.40 -26.17 -31.62
C ALA A 204 -23.92 -25.55 -32.94
N LYS A 205 -23.23 -24.42 -32.89
CA LYS A 205 -22.65 -23.85 -34.09
C LYS A 205 -21.29 -24.46 -34.46
N GLY A 206 -20.78 -25.37 -33.64
CA GLY A 206 -19.48 -25.97 -33.90
C GLY A 206 -18.30 -25.00 -34.00
N GLU A 207 -18.32 -23.93 -33.21
CA GLU A 207 -17.26 -22.93 -33.26
C GLU A 207 -16.74 -22.46 -31.90
N VAL A 208 -15.54 -21.90 -31.93
CA VAL A 208 -14.95 -21.24 -30.80
C VAL A 208 -14.73 -19.80 -31.20
N ARG A 209 -15.31 -18.88 -30.44
CA ARG A 209 -15.08 -17.47 -30.65
C ARG A 209 -14.64 -16.85 -29.32
N LYS A 210 -14.54 -15.52 -29.25
CA LYS A 210 -14.23 -14.86 -27.99
C LYS A 210 -15.34 -13.90 -27.56
N GLY A 211 -15.49 -13.77 -26.25
CA GLY A 211 -16.54 -12.95 -25.69
C GLY A 211 -16.05 -12.20 -24.47
N GLU A 212 -16.97 -11.89 -23.56
CA GLU A 212 -16.64 -11.08 -22.41
C GLU A 212 -16.19 -11.96 -21.26
N GLU A 213 -16.69 -13.19 -21.24
CA GLU A 213 -16.41 -14.14 -20.16
C GLU A 213 -16.37 -15.58 -20.70
N PHE A 214 -15.78 -16.51 -19.95
CA PHE A 214 -15.75 -17.90 -20.35
C PHE A 214 -17.18 -18.41 -20.44
N PHE A 215 -17.56 -18.86 -21.63
CA PHE A 215 -18.94 -19.15 -21.94
C PHE A 215 -19.05 -20.40 -22.78
N VAL A 216 -19.78 -21.40 -22.28
CA VAL A 216 -20.07 -22.60 -23.05
C VAL A 216 -21.58 -22.63 -23.37
N VAL A 217 -21.90 -22.31 -24.62
CA VAL A 217 -23.29 -22.16 -25.05
C VAL A 217 -24.03 -23.46 -25.05
N ASP A 218 -25.09 -23.53 -24.24
CA ASP A 218 -25.91 -24.72 -24.15
C ASP A 218 -26.59 -24.95 -25.51
N PRO A 219 -26.39 -26.14 -26.11
CA PRO A 219 -27.04 -26.40 -27.40
C PRO A 219 -28.58 -26.37 -27.35
N VAL A 220 -29.21 -26.53 -26.18
CA VAL A 220 -30.67 -26.38 -26.09
C VAL A 220 -31.18 -24.95 -25.77
N ASP A 221 -30.27 -24.03 -25.50
CA ASP A 221 -30.63 -22.64 -25.14
C ASP A 221 -29.42 -21.72 -25.26
N GLU A 222 -29.35 -20.93 -26.33
CA GLU A 222 -28.15 -20.12 -26.60
C GLU A 222 -27.83 -19.04 -25.55
N LYS A 223 -28.79 -18.71 -24.69
CA LYS A 223 -28.59 -17.71 -23.63
C LYS A 223 -27.93 -18.29 -22.36
N ARG A 224 -28.01 -19.61 -22.21
CA ARG A 224 -27.49 -20.31 -21.04
C ARG A 224 -26.00 -20.66 -21.15
N ASN A 225 -25.21 -20.11 -20.23
CA ASN A 225 -23.81 -20.48 -20.08
C ASN A 225 -23.71 -21.72 -19.20
N VAL A 226 -23.39 -22.86 -19.79
CA VAL A 226 -23.28 -24.10 -19.02
C VAL A 226 -22.16 -24.01 -17.96
N ALA A 227 -21.20 -23.13 -18.22
CA ALA A 227 -20.05 -22.92 -17.33
C ALA A 227 -20.24 -21.68 -16.49
N ALA A 228 -21.48 -21.30 -16.26
CA ALA A 228 -21.76 -20.04 -15.57
C ALA A 228 -21.11 -19.98 -14.20
N ASN A 229 -21.12 -21.11 -13.50
CA ASN A 229 -20.64 -21.12 -12.13
C ASN A 229 -19.26 -21.71 -12.02
N LEU A 230 -18.55 -21.77 -13.15
CA LEU A 230 -17.14 -22.14 -13.14
C LEU A 230 -16.32 -20.90 -12.80
N SER A 231 -15.64 -20.94 -11.66
CA SER A 231 -14.87 -19.77 -11.23
C SER A 231 -13.67 -19.56 -12.14
N LEU A 232 -13.22 -18.32 -12.22
CA LEU A 232 -12.06 -17.98 -13.02
C LEU A 232 -10.86 -18.80 -12.57
N ASP A 233 -10.71 -18.95 -11.26
CA ASP A 233 -9.56 -19.65 -10.71
C ASP A 233 -9.54 -21.16 -11.01
N ASN A 234 -10.71 -21.78 -11.08
CA ASN A 234 -10.79 -23.18 -11.43
C ASN A 234 -10.65 -23.40 -12.94
N LEU A 235 -11.07 -22.41 -13.73
CA LEU A 235 -10.81 -22.41 -15.16
C LEU A 235 -9.31 -22.42 -15.36
N ALA A 236 -8.63 -21.52 -14.62
CA ALA A 236 -7.17 -21.43 -14.65
C ALA A 236 -6.50 -22.73 -14.20
N ARG A 237 -6.97 -23.31 -13.11
CA ARG A 237 -6.34 -24.52 -12.58
C ARG A 237 -6.41 -25.65 -13.61
N PHE A 238 -7.55 -25.77 -14.27
CA PHE A 238 -7.75 -26.80 -15.29
C PHE A 238 -6.81 -26.61 -16.48
N VAL A 239 -6.76 -25.40 -17.03
CA VAL A 239 -5.89 -25.08 -18.15
C VAL A 239 -4.45 -25.42 -17.78
N HIS A 240 -4.06 -25.01 -16.58
CA HIS A 240 -2.72 -25.32 -16.10
C HIS A 240 -2.52 -26.83 -15.98
N LEU A 241 -3.54 -27.56 -15.55
CA LEU A 241 -3.47 -29.03 -15.46
C LEU A 241 -3.28 -29.69 -16.84
N CYS A 242 -4.04 -29.22 -17.83
CA CYS A 242 -3.91 -29.73 -19.19
C CYS A 242 -2.50 -29.49 -19.76
N ARG A 243 -1.93 -28.33 -19.46
CA ARG A 243 -0.56 -28.04 -19.90
C ARG A 243 0.44 -28.96 -19.24
N GLU A 244 0.29 -29.17 -17.94
CA GLU A 244 1.18 -30.05 -17.20
C GLU A 244 1.07 -31.49 -17.68
N PHE A 245 -0.16 -31.91 -17.98
CA PHE A 245 -0.40 -33.28 -18.33
C PHE A 245 0.27 -33.63 -19.64
N MET A 246 0.08 -32.82 -20.67
CA MET A 246 0.71 -33.10 -21.96
C MET A 246 2.25 -33.10 -21.82
N GLU A 247 2.78 -32.14 -21.07
CA GLU A 247 4.22 -32.05 -20.86
C GLU A 247 4.77 -33.34 -20.30
N ALA A 248 4.10 -33.88 -19.30
CA ALA A 248 4.62 -35.04 -18.59
C ALA A 248 3.46 -35.87 -18.07
N PRO A 249 2.80 -36.60 -18.97
CA PRO A 249 1.63 -37.38 -18.58
C PRO A 249 1.94 -38.43 -17.54
N SER A 250 1.00 -38.62 -16.63
CA SER A 250 1.13 -39.59 -15.56
C SER A 250 -0.26 -40.04 -15.12
N LEU A 251 -0.35 -41.24 -14.56
CA LEU A 251 -1.59 -41.71 -14.00
C LEU A 251 -1.97 -40.96 -12.71
N GLY A 252 -0.99 -40.29 -12.10
CA GLY A 252 -1.23 -39.53 -10.88
C GLY A 252 -2.28 -38.46 -11.03
N PHE A 253 -2.41 -37.91 -12.23
CA PHE A 253 -3.45 -36.93 -12.52
C PHE A 253 -4.87 -37.45 -12.32
N PHE A 254 -5.04 -38.77 -12.33
CA PHE A 254 -6.34 -39.41 -12.15
C PHE A 254 -6.49 -40.02 -10.76
N LYS A 255 -5.48 -39.86 -9.92
CA LYS A 255 -5.54 -40.39 -8.57
C LYS A 255 -5.90 -39.26 -7.60
N PRO A 256 -6.98 -39.44 -6.82
CA PRO A 256 -7.38 -38.44 -5.85
C PRO A 256 -6.30 -38.19 -4.81
N LYS A 257 -6.19 -36.96 -4.32
CA LYS A 257 -5.28 -36.65 -3.23
C LYS A 257 -6.10 -36.52 -1.95
N HIS A 258 -5.47 -36.81 -0.82
CA HIS A 258 -6.11 -36.62 0.46
C HIS A 258 -5.08 -35.92 1.37
N PRO A 259 -5.55 -35.13 2.35
CA PRO A 259 -4.60 -34.45 3.25
C PRO A 259 -3.89 -35.43 4.19
N LEU A 260 -2.66 -35.09 4.60
CA LEU A 260 -1.92 -35.90 5.55
C LEU A 260 -2.11 -35.32 6.95
N GLU A 261 -1.99 -36.14 7.98
CA GLU A 261 -2.04 -35.59 9.34
C GLU A 261 -0.79 -34.76 9.57
N ILE A 262 -0.99 -33.54 10.04
CA ILE A 262 0.11 -32.65 10.37
C ILE A 262 0.12 -32.51 11.88
N GLU A 263 1.23 -32.87 12.51
CA GLU A 263 1.38 -32.68 13.94
C GLU A 263 1.31 -31.19 14.22
N PRO A 264 0.65 -30.79 15.32
CA PRO A 264 0.54 -29.37 15.65
C PRO A 264 1.88 -28.66 15.79
N GLU A 265 2.93 -29.44 16.08
CA GLU A 265 4.24 -28.85 16.29
C GLU A 265 4.88 -28.45 14.99
N ARG A 266 4.64 -29.24 13.96
CA ARG A 266 5.12 -28.91 12.62
C ARG A 266 4.45 -27.61 12.18
N LEU A 267 3.14 -27.50 12.44
CA LEU A 267 2.41 -26.29 12.07
C LEU A 267 2.97 -25.09 12.82
N ARG A 268 3.30 -25.29 14.09
CA ARG A 268 3.85 -24.22 14.91
C ARG A 268 5.13 -23.72 14.28
N LYS A 269 6.04 -24.63 13.95
CA LYS A 269 7.31 -24.21 13.38
C LYS A 269 7.10 -23.52 12.03
N ILE A 270 6.17 -24.04 11.23
CA ILE A 270 5.86 -23.41 9.94
C ILE A 270 5.40 -21.96 10.11
N VAL A 271 4.45 -21.73 11.02
CA VAL A 271 4.00 -20.38 11.33
C VAL A 271 5.12 -19.47 11.91
N GLU A 272 5.94 -20.02 12.80
CA GLU A 272 7.08 -19.27 13.35
C GLU A 272 8.04 -18.83 12.23
N GLU A 273 8.40 -19.77 11.36
CA GLU A 273 9.22 -19.49 10.19
C GLU A 273 8.66 -18.38 9.32
N ARG A 274 7.34 -18.37 9.13
CA ARG A 274 6.69 -17.39 8.26
C ARG A 274 6.57 -16.04 8.96
N GLY A 275 6.50 -16.08 10.29
CA GLY A 275 6.42 -14.88 11.10
C GLY A 275 5.15 -14.08 10.94
N THR A 276 4.06 -14.77 10.60
CA THR A 276 2.75 -14.15 10.36
C THR A 276 1.77 -14.39 11.49
N ALA A 277 0.69 -13.61 11.49
CA ALA A 277 -0.44 -13.81 12.39
C ALA A 277 -1.47 -14.70 11.72
N VAL A 278 -1.68 -15.88 12.30
CA VAL A 278 -2.63 -16.86 11.77
C VAL A 278 -3.70 -17.07 12.82
N PHE A 279 -4.95 -16.93 12.42
CA PHE A 279 -6.05 -17.02 13.35
C PHE A 279 -7.34 -17.31 12.62
N ALA A 280 -8.33 -17.73 13.39
CA ALA A 280 -9.59 -18.19 12.85
C ALA A 280 -10.73 -17.61 13.64
N VAL A 281 -11.83 -17.36 12.95
CA VAL A 281 -13.09 -17.05 13.61
C VAL A 281 -13.91 -18.32 13.64
N LYS A 282 -14.23 -18.78 14.84
CA LYS A 282 -14.99 -20.00 15.03
C LYS A 282 -16.42 -19.66 15.43
N PHE A 283 -17.40 -20.32 14.84
CA PHE A 283 -18.80 -20.11 15.25
C PHE A 283 -19.66 -21.31 14.87
N ARG A 284 -20.87 -21.43 15.43
CA ARG A 284 -21.74 -22.57 15.12
C ARG A 284 -22.32 -22.52 13.71
N LYS A 285 -22.14 -23.62 12.96
CA LYS A 285 -22.71 -23.75 11.62
C LYS A 285 -24.23 -23.58 11.61
N PRO A 286 -24.73 -22.69 10.76
CA PRO A 286 -26.20 -22.67 10.64
C PRO A 286 -26.75 -23.95 9.94
N ASP A 287 -27.91 -24.41 10.38
CA ASP A 287 -28.53 -25.61 9.81
C ASP A 287 -29.20 -25.28 8.46
N ILE A 288 -28.38 -25.19 7.43
CA ILE A 288 -28.83 -24.84 6.09
C ILE A 288 -28.04 -25.66 5.06
N VAL A 289 -28.53 -25.75 3.83
CA VAL A 289 -27.86 -26.59 2.83
C VAL A 289 -26.55 -25.97 2.39
N ASP A 290 -25.65 -26.82 1.92
CA ASP A 290 -24.34 -26.37 1.49
C ASP A 290 -24.46 -25.18 0.53
N ASP A 291 -25.47 -25.23 -0.33
CA ASP A 291 -25.61 -24.26 -1.39
C ASP A 291 -26.05 -22.89 -0.90
N ASN A 292 -26.60 -22.84 0.32
CA ASN A 292 -26.84 -21.56 0.98
C ASN A 292 -25.64 -21.16 1.86
N LEU A 293 -24.99 -22.15 2.46
CA LEU A 293 -23.90 -21.89 3.40
C LEU A 293 -22.62 -21.35 2.74
N TYR A 294 -22.16 -21.98 1.67
CA TYR A 294 -20.82 -21.65 1.15
C TYR A 294 -20.68 -20.23 0.61
N PRO A 295 -21.68 -19.71 -0.10
CA PRO A 295 -21.61 -18.32 -0.55
C PRO A 295 -21.61 -17.34 0.63
N GLN A 296 -22.20 -17.74 1.75
CA GLN A 296 -22.20 -16.87 2.91
C GLN A 296 -20.82 -16.92 3.56
N LEU A 297 -20.21 -18.10 3.57
CA LEU A 297 -18.87 -18.25 4.12
C LEU A 297 -17.88 -17.47 3.27
N GLU A 298 -18.09 -17.52 1.95
CA GLU A 298 -17.28 -16.77 1.01
C GLU A 298 -17.42 -15.29 1.28
N ARG A 299 -18.65 -14.87 1.57
CA ARG A 299 -18.91 -13.46 1.81
C ARG A 299 -18.25 -13.01 3.10
N ALA A 300 -18.46 -13.78 4.16
CA ALA A 300 -17.94 -13.41 5.45
C ALA A 300 -16.41 -13.33 5.42
N SER A 301 -15.76 -14.29 4.75
CA SER A 301 -14.30 -14.22 4.58
C SER A 301 -13.85 -12.97 3.87
N ARG A 302 -14.52 -12.63 2.79
CA ARG A 302 -14.09 -11.51 1.97
C ARG A 302 -14.29 -10.21 2.76
N LYS A 303 -15.40 -10.11 3.48
CA LYS A 303 -15.68 -8.91 4.26
C LYS A 303 -14.62 -8.65 5.32
N ILE A 304 -14.21 -9.70 6.02
CA ILE A 304 -13.20 -9.59 7.06
C ILE A 304 -11.82 -9.37 6.44
N PHE A 305 -11.56 -10.04 5.32
CA PHE A 305 -10.34 -9.83 4.57
C PHE A 305 -10.16 -8.34 4.19
N GLU A 306 -11.22 -7.73 3.66
CA GLU A 306 -11.21 -6.35 3.22
C GLU A 306 -11.07 -5.37 4.38
N PHE A 307 -11.62 -5.75 5.53
CA PHE A 307 -11.41 -4.99 6.76
C PHE A 307 -9.95 -5.02 7.16
N LEU A 308 -9.32 -6.19 7.05
CA LEU A 308 -7.92 -6.32 7.37
C LEU A 308 -7.03 -5.51 6.44
N GLU A 309 -7.36 -5.49 5.15
CA GLU A 309 -6.59 -4.70 4.17
C GLU A 309 -6.61 -3.21 4.52
N ARG A 310 -7.79 -2.66 4.77
CA ARG A 310 -7.87 -1.22 4.99
C ARG A 310 -7.42 -0.80 6.38
N GLU A 311 -7.21 -1.77 7.27
CA GLU A 311 -6.66 -1.48 8.60
C GLU A 311 -5.16 -1.76 8.64
N ASN A 312 -4.59 -2.11 7.49
CA ASN A 312 -3.15 -2.21 7.28
C ASN A 312 -2.49 -3.40 7.95
N PHE A 313 -3.26 -4.46 8.18
CA PHE A 313 -2.64 -5.67 8.70
C PHE A 313 -2.12 -6.57 7.56
N MET A 314 -2.18 -6.07 6.33
CA MET A 314 -1.66 -6.77 5.15
C MET A 314 -1.98 -8.27 5.15
N PRO A 315 -3.26 -8.62 5.03
CA PRO A 315 -3.64 -10.03 4.96
C PRO A 315 -3.06 -10.71 3.70
N LEU A 316 -2.72 -11.99 3.81
CA LEU A 316 -2.11 -12.73 2.70
C LEU A 316 -3.17 -13.51 1.92
N ARG A 317 -3.81 -14.45 2.60
CA ARG A 317 -4.97 -15.16 2.06
C ARG A 317 -6.00 -15.45 3.14
N SER A 318 -7.15 -15.95 2.70
CA SER A 318 -8.22 -16.39 3.59
C SER A 318 -8.73 -17.76 3.13
N ALA A 319 -9.39 -18.46 4.03
CA ALA A 319 -9.93 -19.76 3.72
C ALA A 319 -11.10 -19.97 4.67
N PHE A 320 -11.83 -21.06 4.48
CA PHE A 320 -12.90 -21.40 5.39
C PHE A 320 -13.13 -22.89 5.41
N LYS A 321 -13.86 -23.35 6.40
CA LYS A 321 -14.13 -24.75 6.59
C LYS A 321 -15.41 -24.90 7.38
N ALA A 322 -16.25 -25.87 6.99
CA ALA A 322 -17.42 -26.23 7.77
C ALA A 322 -17.26 -27.67 8.21
N SER A 323 -17.20 -27.87 9.52
CA SER A 323 -17.28 -29.19 10.12
C SER A 323 -18.75 -29.44 10.43
N GLU A 324 -19.04 -30.49 11.18
CA GLU A 324 -20.44 -30.86 11.41
C GLU A 324 -21.14 -29.83 12.29
N GLU A 325 -20.41 -29.28 13.25
CA GLU A 325 -20.98 -28.39 14.24
C GLU A 325 -20.53 -26.93 14.09
N PHE A 326 -19.30 -26.72 13.61
CA PHE A 326 -18.72 -25.38 13.57
C PHE A 326 -18.19 -24.98 12.18
N CYS A 327 -18.30 -23.70 11.88
CA CYS A 327 -17.63 -23.10 10.74
C CYS A 327 -16.42 -22.31 11.20
N TYR A 328 -15.38 -22.28 10.36
CA TYR A 328 -14.14 -21.56 10.65
C TYR A 328 -13.80 -20.61 9.50
N LEU A 329 -13.55 -19.36 9.83
CA LEU A 329 -13.00 -18.41 8.88
C LEU A 329 -11.52 -18.15 9.22
N LEU A 330 -10.62 -18.62 8.36
CA LEU A 330 -9.17 -18.58 8.57
C LEU A 330 -8.48 -17.40 7.86
N PHE A 331 -7.44 -16.84 8.48
CA PHE A 331 -6.72 -15.69 7.95
C PHE A 331 -5.24 -15.74 8.30
N GLU A 332 -4.41 -15.18 7.42
CA GLU A 332 -2.99 -15.04 7.69
C GLU A 332 -2.60 -13.62 7.32
N CYS A 333 -1.89 -12.95 8.23
CA CYS A 333 -1.58 -11.53 8.07
C CYS A 333 -0.10 -11.32 8.30
N GLN A 334 0.49 -10.41 7.53
CA GLN A 334 1.92 -10.12 7.63
C GLN A 334 2.23 -9.35 8.91
N ILE A 335 1.29 -8.54 9.37
CA ILE A 335 1.44 -7.72 10.57
C ILE A 335 0.78 -8.33 11.83
N LYS A 336 1.60 -8.76 12.80
CA LYS A 336 1.09 -9.27 14.08
C LYS A 336 0.76 -8.11 15.00
N GLU A 337 1.43 -6.99 14.78
CA GLU A 337 1.24 -5.80 15.61
C GLU A 337 1.61 -4.53 14.85
N ILE A 338 0.75 -3.52 14.94
CA ILE A 338 1.03 -2.21 14.37
C ILE A 338 1.05 -1.12 15.47
N SER A 339 1.75 -0.03 15.22
CA SER A 339 1.83 1.06 16.18
C SER A 339 0.45 1.59 16.46
N ARG A 340 0.29 2.18 17.63
CA ARG A 340 -0.96 2.84 17.97
C ARG A 340 -1.12 4.17 17.22
N VAL A 341 0.00 4.80 16.89
CA VAL A 341 -0.01 6.09 16.20
C VAL A 341 -0.03 5.93 14.69
N PHE A 342 -0.83 6.75 14.02
CA PHE A 342 -0.76 6.86 12.57
C PHE A 342 -0.94 8.33 12.22
N ARG A 343 -0.88 8.67 10.94
CA ARG A 343 -1.07 10.07 10.52
C ARG A 343 -2.25 10.26 9.57
N ARG A 344 -3.06 11.27 9.88
CA ARG A 344 -4.23 11.65 9.09
C ARG A 344 -3.98 12.94 8.34
N MET A 345 -4.37 12.99 7.07
CA MET A 345 -4.11 14.14 6.22
C MET A 345 -5.04 15.29 6.54
N GLY A 346 -4.47 16.50 6.62
CA GLY A 346 -5.22 17.71 6.87
C GLY A 346 -5.32 18.60 5.65
N PRO A 347 -5.88 19.80 5.83
CA PRO A 347 -6.04 20.71 4.69
C PRO A 347 -4.74 21.45 4.32
N GLN A 348 -4.71 22.05 3.14
CA GLN A 348 -3.61 22.90 2.73
C GLN A 348 -3.52 24.08 3.69
N PHE A 349 -2.31 24.64 3.83
CA PHE A 349 -2.12 25.77 4.74
C PHE A 349 -2.95 27.00 4.32
N GLU A 350 -3.36 27.01 3.06
CA GLU A 350 -4.02 28.15 2.42
C GLU A 350 -5.28 28.61 3.18
N ASP A 351 -6.28 27.73 3.27
CA ASP A 351 -7.58 28.12 3.85
C ASP A 351 -7.64 27.95 5.36
N GLU A 352 -7.41 29.05 6.06
CA GLU A 352 -7.40 29.04 7.52
C GLU A 352 -8.74 28.60 8.07
N ARG A 353 -9.75 28.60 7.22
CA ARG A 353 -11.08 28.15 7.60
C ARG A 353 -11.04 26.70 8.05
N ASN A 354 -10.64 25.82 7.12
CA ASN A 354 -10.55 24.39 7.41
C ASN A 354 -9.34 24.02 8.27
N VAL A 355 -8.26 24.80 8.18
CA VAL A 355 -7.10 24.60 9.04
C VAL A 355 -7.47 24.82 10.50
N LYS A 356 -8.23 25.88 10.77
CA LYS A 356 -8.62 26.21 12.15
C LYS A 356 -9.48 25.11 12.75
N LYS A 357 -10.35 24.52 11.93
CA LYS A 357 -11.19 23.41 12.35
C LYS A 357 -10.34 22.15 12.58
N PHE A 358 -9.45 21.86 11.63
CA PHE A 358 -8.54 20.70 11.73
C PHE A 358 -7.70 20.77 13.00
N LEU A 359 -7.31 21.98 13.40
CA LEU A 359 -6.46 22.13 14.57
C LEU A 359 -7.25 22.23 15.89
N SER A 360 -8.55 22.45 15.79
CA SER A 360 -9.38 22.66 17.00
C SER A 360 -9.54 21.38 17.78
N ARG A 361 -9.39 20.24 17.10
CA ARG A 361 -9.50 18.94 17.72
C ARG A 361 -8.35 18.75 18.68
N ASN A 362 -8.65 18.39 19.92
CA ASN A 362 -7.62 18.14 20.91
C ASN A 362 -7.02 16.76 20.69
N ARG A 363 -5.70 16.72 20.50
CA ARG A 363 -4.97 15.46 20.28
C ARG A 363 -3.82 15.36 21.25
N ALA A 364 -3.24 14.17 21.36
CA ALA A 364 -2.16 13.94 22.29
C ALA A 364 -0.84 14.49 21.76
N PHE A 365 -0.80 14.83 20.47
CA PHE A 365 0.41 15.36 19.86
C PHE A 365 0.14 16.54 18.94
N ARG A 366 1.17 17.34 18.68
CA ARG A 366 1.00 18.56 17.90
C ARG A 366 0.96 18.26 16.42
N PRO A 367 -0.04 18.79 15.72
CA PRO A 367 -0.04 18.62 14.26
C PRO A 367 1.20 19.27 13.64
N PHE A 368 1.46 18.98 12.36
CA PHE A 368 2.64 19.51 11.70
C PHE A 368 2.37 19.80 10.24
N ILE A 369 3.16 20.71 9.66
CA ILE A 369 3.09 20.96 8.22
C ILE A 369 4.09 20.08 7.48
N GLU A 370 3.64 19.54 6.35
CA GLU A 370 4.45 18.74 5.46
C GLU A 370 3.97 18.90 4.03
N ASN A 371 4.87 19.32 3.15
CA ASN A 371 4.60 19.51 1.73
C ASN A 371 3.40 20.38 1.42
N GLY A 372 3.16 21.38 2.26
CA GLY A 372 2.11 22.35 2.04
C GLY A 372 0.77 22.03 2.69
N ARG A 373 0.66 20.84 3.28
CA ARG A 373 -0.57 20.41 3.94
C ARG A 373 -0.31 20.25 5.43
N TRP A 374 -1.37 20.38 6.22
CA TRP A 374 -1.34 20.01 7.62
C TRP A 374 -1.54 18.49 7.76
N TRP A 375 -1.04 17.94 8.85
CA TRP A 375 -1.16 16.53 9.18
C TRP A 375 -1.28 16.44 10.68
N ALA A 376 -1.89 15.36 11.17
CA ALA A 376 -1.94 15.14 12.61
C ALA A 376 -1.65 13.68 12.94
N PHE A 377 -1.21 13.46 14.18
CA PHE A 377 -1.02 12.13 14.70
C PHE A 377 -2.26 11.75 15.46
N GLU A 378 -2.87 10.64 15.05
CA GLU A 378 -4.05 10.11 15.71
C GLU A 378 -3.69 8.75 16.33
N MET A 379 -4.61 8.21 17.13
CA MET A 379 -4.39 6.93 17.78
C MET A 379 -5.43 5.90 17.31
N ARG A 380 -4.98 4.68 17.01
CA ARG A 380 -5.84 3.57 16.60
C ARG A 380 -6.60 2.94 17.75
N LYS A 381 -7.78 2.43 17.45
CA LYS A 381 -8.57 1.67 18.43
C LYS A 381 -7.93 0.32 18.79
N PHE A 382 -7.30 -0.33 17.83
CA PHE A 382 -6.67 -1.63 18.05
C PHE A 382 -5.36 -1.73 17.28
N THR A 383 -4.49 -2.65 17.69
CA THR A 383 -3.16 -2.74 17.11
C THR A 383 -2.74 -4.15 16.66
N THR A 384 -3.66 -5.11 16.75
CA THR A 384 -3.43 -6.45 16.23
C THR A 384 -4.61 -6.85 15.37
N PRO A 385 -4.37 -7.74 14.40
CA PRO A 385 -5.50 -8.14 13.55
C PRO A 385 -6.56 -8.85 14.38
N GLU A 386 -6.16 -9.62 15.40
CA GLU A 386 -7.15 -10.35 16.22
C GLU A 386 -8.06 -9.40 16.96
N GLU A 387 -7.51 -8.32 17.48
CA GLU A 387 -8.34 -7.32 18.14
C GLU A 387 -9.29 -6.69 17.15
N GLY A 388 -8.81 -6.43 15.94
CA GLY A 388 -9.60 -5.72 14.96
C GLY A 388 -10.77 -6.58 14.56
N VAL A 389 -10.51 -7.85 14.28
CA VAL A 389 -11.56 -8.75 13.86
C VAL A 389 -12.59 -8.95 14.98
N ARG A 390 -12.14 -9.01 16.24
CA ARG A 390 -13.03 -9.15 17.40
C ARG A 390 -14.04 -8.00 17.40
N SER A 391 -13.52 -6.79 17.27
CA SER A 391 -14.38 -5.62 17.18
C SER A 391 -15.29 -5.65 15.95
N TYR A 392 -14.73 -6.06 14.81
CA TYR A 392 -15.44 -5.98 13.55
C TYR A 392 -16.59 -6.96 13.53
N ALA A 393 -16.33 -8.18 13.98
CA ALA A 393 -17.34 -9.22 13.96
C ALA A 393 -18.43 -8.97 15.01
N SER A 394 -18.09 -8.21 16.06
CA SER A 394 -19.07 -7.96 17.12
C SER A 394 -20.10 -6.92 16.73
N THR A 395 -19.79 -6.12 15.71
CA THR A 395 -20.59 -4.95 15.37
C THR A 395 -21.03 -4.96 13.90
N HIS A 396 -20.36 -5.75 13.07
CA HIS A 396 -20.74 -5.86 11.66
C HIS A 396 -21.18 -7.27 11.31
N TRP A 397 -21.65 -8.02 12.32
CA TRP A 397 -22.17 -9.37 12.08
C TRP A 397 -23.24 -9.38 10.98
N HIS A 398 -24.04 -8.32 10.88
CA HIS A 398 -25.16 -8.31 9.96
C HIS A 398 -24.72 -8.31 8.49
N THR A 399 -23.48 -7.90 8.22
CA THR A 399 -23.03 -7.82 6.86
C THR A 399 -22.28 -9.10 6.43
N LEU A 400 -22.24 -10.09 7.32
CA LEU A 400 -21.50 -11.32 7.05
C LEU A 400 -22.36 -12.51 6.55
N GLY A 401 -23.44 -12.21 5.83
CA GLY A 401 -24.36 -13.23 5.37
C GLY A 401 -25.52 -13.44 6.33
N LYS A 402 -26.71 -13.56 5.76
CA LYS A 402 -27.96 -13.72 6.52
C LYS A 402 -27.80 -14.71 7.67
N ASN A 403 -27.49 -15.96 7.36
CA ASN A 403 -27.44 -16.98 8.39
C ASN A 403 -26.11 -17.04 9.13
N VAL A 404 -25.02 -16.77 8.41
CA VAL A 404 -23.70 -16.80 9.05
C VAL A 404 -23.57 -15.64 10.07
N GLY A 405 -23.99 -14.45 9.67
CA GLY A 405 -23.95 -13.31 10.58
C GLY A 405 -24.80 -13.53 11.82
N GLU A 406 -26.03 -14.00 11.62
CA GLU A 406 -26.92 -14.30 12.72
C GLU A 406 -26.29 -15.26 13.70
N SER A 407 -25.52 -16.22 13.19
CA SER A 407 -24.86 -17.17 14.09
C SER A 407 -23.69 -16.49 14.82
N ILE A 408 -22.95 -15.67 14.09
CA ILE A 408 -21.83 -14.92 14.66
C ILE A 408 -22.35 -13.97 15.75
N ARG A 409 -23.56 -13.45 15.56
CA ARG A 409 -24.16 -12.58 16.56
C ARG A 409 -24.33 -13.26 17.90
N GLU A 410 -24.66 -14.55 17.89
CA GLU A 410 -24.98 -15.27 19.11
C GLU A 410 -23.73 -15.80 19.81
N TYR A 411 -22.67 -16.03 19.03
CA TYR A 411 -21.41 -16.53 19.57
C TYR A 411 -20.33 -16.67 18.49
N PHE A 412 -19.11 -16.25 18.81
CA PHE A 412 -17.93 -16.52 18.00
C PHE A 412 -16.72 -16.31 18.89
N GLU A 413 -15.59 -16.84 18.48
CA GLU A 413 -14.37 -16.61 19.22
C GLU A 413 -13.24 -16.54 18.24
N ILE A 414 -12.18 -15.84 18.61
CA ILE A 414 -11.00 -15.79 17.79
C ILE A 414 -10.00 -16.78 18.36
N ILE A 415 -9.56 -17.72 17.54
CA ILE A 415 -8.62 -18.74 17.98
C ILE A 415 -7.36 -18.62 17.16
N SER A 416 -6.23 -18.90 17.80
CA SER A 416 -4.94 -18.81 17.14
C SER A 416 -3.92 -19.67 17.88
N GLY A 417 -2.66 -19.56 17.50
CA GLY A 417 -1.61 -20.36 18.11
C GLY A 417 -1.90 -21.83 17.99
N GLU A 418 -1.50 -22.60 18.99
CA GLU A 418 -1.62 -24.04 18.94
C GLU A 418 -3.03 -24.51 19.26
N LYS A 419 -3.85 -23.61 19.80
CA LYS A 419 -5.25 -23.96 20.03
C LYS A 419 -5.93 -24.16 18.68
N LEU A 420 -5.48 -23.38 17.69
CA LEU A 420 -6.03 -23.42 16.34
C LEU A 420 -5.60 -24.69 15.65
N PHE A 421 -4.40 -25.18 15.96
CA PHE A 421 -3.88 -26.38 15.33
C PHE A 421 -4.58 -27.64 15.81
N LYS A 422 -5.26 -27.56 16.95
CA LYS A 422 -6.03 -28.69 17.46
C LYS A 422 -7.43 -28.73 16.84
N GLU A 423 -7.78 -27.72 16.06
CA GLU A 423 -9.08 -27.70 15.41
C GLU A 423 -8.94 -28.39 14.07
N PRO A 424 -10.04 -28.88 13.50
CA PRO A 424 -10.00 -29.61 12.23
C PRO A 424 -9.88 -28.67 11.02
N VAL A 425 -8.75 -27.98 10.93
CA VAL A 425 -8.55 -26.95 9.91
C VAL A 425 -7.14 -27.01 9.31
N THR A 426 -6.38 -28.04 9.68
CA THR A 426 -5.01 -28.22 9.23
C THR A 426 -4.87 -28.30 7.70
N ALA A 427 -5.80 -28.97 7.04
CA ALA A 427 -5.77 -29.08 5.59
C ALA A 427 -6.00 -27.74 4.95
N GLU A 428 -6.92 -26.95 5.50
CA GLU A 428 -7.17 -25.63 4.96
C GLU A 428 -5.97 -24.73 5.27
N LEU A 429 -5.32 -24.96 6.41
CA LEU A 429 -4.14 -24.16 6.75
C LEU A 429 -2.96 -24.46 5.84
N CYS A 430 -2.75 -25.74 5.56
CA CYS A 430 -1.65 -26.15 4.69
C CYS A 430 -1.84 -25.63 3.28
N GLU A 431 -3.07 -25.69 2.79
CA GLU A 431 -3.39 -25.27 1.43
C GLU A 431 -3.20 -23.77 1.27
N MET A 432 -3.67 -23.05 2.28
CA MET A 432 -3.67 -21.59 2.31
C MET A 432 -2.23 -21.03 2.37
N MET A 433 -1.36 -21.68 3.14
CA MET A 433 0.03 -21.23 3.27
C MET A 433 0.95 -21.85 2.21
N GLY A 434 0.42 -22.74 1.38
CA GLY A 434 1.23 -23.37 0.37
C GLY A 434 2.26 -24.32 0.94
N VAL A 435 1.92 -25.00 2.02
CA VAL A 435 2.81 -25.96 2.64
C VAL A 435 3.09 -27.10 1.66
N LYS A 436 4.36 -27.41 1.48
CA LYS A 436 4.75 -28.48 0.56
C LYS A 436 4.52 -29.85 1.22
N ASP A 437 4.33 -30.88 0.39
CA ASP A 437 4.32 -32.28 0.86
C ASP A 437 3.35 -32.52 2.02
N SER A 438 2.10 -32.02 1.93
CA SER A 438 1.00 -32.14 2.97
C SER A 438 -0.19 -32.97 2.45
N ASN A 439 -0.13 -33.41 1.18
CA ASN A 439 -1.11 -34.32 0.58
C ASN A 439 -0.46 -35.56 0.00
N SER A 440 -1.26 -36.58 -0.28
CA SER A 440 -0.79 -37.80 -0.88
C SER A 440 -1.90 -38.50 -1.65
N SER A 441 -1.53 -39.17 -2.73
CA SER A 441 -2.48 -39.95 -3.51
C SER A 441 -2.39 -41.41 -3.10
N SER A 442 -1.64 -41.68 -2.04
CA SER A 442 -1.34 -43.04 -1.65
C SER A 442 -2.60 -43.76 -1.20
N VAL A 443 -2.74 -45.01 -1.67
CA VAL A 443 -3.89 -45.86 -1.35
C VAL A 443 -3.46 -46.98 -0.42
N VAL C 3 -1.49 45.66 21.05
CA VAL C 3 -0.87 45.37 19.76
C VAL C 3 0.26 46.35 19.48
N GLU C 4 -0.09 47.61 19.21
CA GLU C 4 0.91 48.64 18.89
C GLU C 4 1.86 48.84 20.07
N GLU C 5 1.36 48.56 21.28
CA GLU C 5 2.15 48.67 22.50
C GLU C 5 3.01 47.44 22.69
N ILE C 6 2.68 46.37 21.97
CA ILE C 6 3.46 45.13 22.05
C ILE C 6 4.67 45.21 21.15
N LEU C 7 4.48 45.78 19.96
CA LEU C 7 5.56 45.91 18.99
C LEU C 7 6.70 46.78 19.50
N GLU C 8 6.39 47.75 20.36
CA GLU C 8 7.42 48.62 20.93
C GLU C 8 8.19 47.92 22.04
N LYS C 9 7.55 46.95 22.69
CA LYS C 9 8.26 46.12 23.66
C LYS C 9 9.21 45.17 22.93
N ALA C 10 8.95 44.94 21.65
CA ALA C 10 9.79 44.09 20.82
C ALA C 10 11.00 44.86 20.30
N LEU C 11 10.81 46.17 20.07
CA LEU C 11 11.90 47.03 19.62
C LEU C 11 13.05 47.01 20.63
N GLU C 12 12.73 46.65 21.86
CA GLU C 12 13.74 46.58 22.93
C GLU C 12 14.55 45.30 22.85
N LEU C 13 14.24 44.47 21.87
CA LEU C 13 14.94 43.20 21.68
C LEU C 13 15.67 43.16 20.34
N VAL C 14 15.12 43.85 19.34
CA VAL C 14 15.69 43.81 18.00
C VAL C 14 16.64 44.96 17.70
N ILE C 15 16.43 46.11 18.34
CA ILE C 15 17.31 47.27 18.14
C ILE C 15 18.62 47.11 18.95
N PRO C 16 19.78 47.29 18.29
CA PRO C 16 21.06 47.19 19.02
C PRO C 16 21.25 48.34 20.01
N ASP C 17 21.83 48.06 21.18
CA ASP C 17 22.14 49.14 22.12
C ASP C 17 23.36 49.95 21.64
N GLU C 18 23.63 51.07 22.31
CA GLU C 18 24.69 51.99 21.90
C GLU C 18 26.06 51.32 21.92
N GLU C 19 26.32 50.55 22.97
CA GLU C 19 27.61 49.88 23.13
C GLU C 19 27.93 48.93 21.98
N GLU C 20 26.90 48.45 21.29
CA GLU C 20 27.07 47.57 20.15
C GLU C 20 27.38 48.40 18.90
N VAL C 21 26.66 49.51 18.72
CA VAL C 21 26.83 50.34 17.53
C VAL C 21 28.20 51.01 17.52
N ARG C 22 28.70 51.30 18.72
CA ARG C 22 30.00 51.94 18.87
C ARG C 22 31.11 50.97 18.43
N LYS C 23 31.02 49.72 18.89
CA LYS C 23 32.00 48.71 18.52
C LYS C 23 32.09 48.60 17.01
N GLY C 24 30.94 48.68 16.36
CA GLY C 24 30.86 48.60 14.91
C GLY C 24 31.60 49.74 14.23
N ARG C 25 31.30 50.97 14.65
CA ARG C 25 31.90 52.14 14.02
C ARG C 25 33.43 52.15 14.11
N GLU C 26 33.97 51.77 15.25
CA GLU C 26 35.42 51.72 15.46
C GLU C 26 36.07 50.69 14.54
N ALA C 27 35.41 49.55 14.39
CA ALA C 27 35.88 48.52 13.48
C ALA C 27 35.70 48.98 12.02
N GLU C 28 34.64 49.71 11.76
CA GLU C 28 34.38 50.26 10.43
C GLU C 28 35.40 51.32 10.06
N GLU C 29 35.79 52.13 11.04
CA GLU C 29 36.80 53.14 10.85
C GLU C 29 38.16 52.48 10.63
N GLU C 30 38.43 51.43 11.41
CA GLU C 30 39.68 50.69 11.27
C GLU C 30 39.77 49.97 9.93
N LEU C 31 38.63 49.47 9.45
CA LEU C 31 38.60 48.74 8.19
C LEU C 31 38.94 49.66 7.01
N ARG C 32 38.41 50.88 7.06
CA ARG C 32 38.63 51.85 5.99
C ARG C 32 40.07 52.36 6.02
N ARG C 33 40.64 52.49 7.22
CA ARG C 33 42.03 52.87 7.35
C ARG C 33 42.89 51.89 6.56
N ARG C 34 42.68 50.60 6.83
CA ARG C 34 43.50 49.55 6.24
C ARG C 34 43.20 49.39 4.75
N LEU C 35 41.94 49.61 4.37
CA LEU C 35 41.53 49.46 2.97
C LEU C 35 41.98 50.65 2.11
N ASP C 36 41.89 51.85 2.66
CA ASP C 36 42.35 53.05 1.96
C ASP C 36 43.87 53.03 1.82
N GLU C 37 44.55 52.74 2.92
CA GLU C 37 46.00 52.65 2.93
C GLU C 37 46.51 51.59 1.93
N LEU C 38 45.67 50.59 1.68
CA LEU C 38 45.99 49.53 0.73
C LEU C 38 45.62 49.94 -0.68
N GLY C 39 44.84 51.02 -0.80
CA GLY C 39 44.50 51.59 -2.09
C GLY C 39 43.64 50.71 -2.97
N VAL C 40 42.71 49.98 -2.37
CA VAL C 40 41.80 49.10 -3.11
C VAL C 40 40.38 49.68 -3.12
N GLU C 41 39.69 49.45 -4.23
CA GLU C 41 38.33 49.97 -4.38
C GLU C 41 37.36 49.04 -3.68
N TYR C 42 36.59 49.59 -2.75
CA TYR C 42 35.66 48.79 -1.96
C TYR C 42 34.35 49.52 -1.71
N VAL C 43 33.41 48.82 -1.09
CA VAL C 43 32.12 49.40 -0.71
C VAL C 43 31.48 48.58 0.43
N PHE C 44 30.92 49.28 1.41
CA PHE C 44 30.23 48.61 2.52
C PHE C 44 28.77 48.35 2.13
N VAL C 45 28.29 47.14 2.42
CA VAL C 45 26.91 46.76 2.11
C VAL C 45 26.29 46.01 3.27
N GLY C 46 25.17 45.33 3.02
CA GLY C 46 24.58 44.45 4.00
C GLY C 46 23.87 45.19 5.12
N SER C 47 23.46 44.44 6.14
CA SER C 47 22.61 44.97 7.19
C SER C 47 23.30 46.07 7.97
N TYR C 48 24.61 46.03 8.02
CA TYR C 48 25.33 47.04 8.78
C TYR C 48 25.35 48.41 8.07
N ALA C 49 25.56 48.38 6.76
CA ALA C 49 25.63 49.60 5.94
C ALA C 49 24.26 50.24 5.71
N ARG C 50 23.22 49.66 6.30
CA ARG C 50 21.87 50.22 6.20
C ARG C 50 21.23 50.33 7.58
N ASN C 51 21.98 49.95 8.61
CA ASN C 51 21.50 49.99 9.98
C ASN C 51 20.21 49.16 10.18
N THR C 52 20.20 47.94 9.63
CA THR C 52 19.07 47.02 9.80
C THR C 52 19.53 45.71 10.42
N TRP C 53 20.70 45.72 11.05
CA TRP C 53 21.26 44.52 11.67
C TRP C 53 20.65 44.31 13.06
N LEU C 54 20.29 43.07 13.35
CA LEU C 54 19.61 42.72 14.59
C LEU C 54 20.53 42.88 15.81
N LYS C 55 19.91 43.09 16.97
CA LYS C 55 20.65 43.19 18.21
C LYS C 55 21.35 41.87 18.45
N GLY C 56 22.63 41.93 18.79
CA GLY C 56 23.39 40.73 19.11
C GLY C 56 24.00 40.11 17.88
N SER C 57 23.49 40.48 16.72
CA SER C 57 23.95 39.93 15.44
C SER C 57 24.70 40.98 14.64
N LEU C 58 25.78 41.49 15.21
CA LEU C 58 26.59 42.51 14.56
C LEU C 58 27.61 41.87 13.61
N GLU C 59 27.48 42.18 12.32
CA GLU C 59 28.39 41.62 11.32
C GLU C 59 28.56 42.63 10.18
N ILE C 60 29.81 42.96 9.87
CA ILE C 60 30.09 43.94 8.81
C ILE C 60 30.44 43.25 7.50
N ASP C 61 29.78 43.67 6.43
CA ASP C 61 30.02 43.13 5.11
C ASP C 61 30.68 44.21 4.23
N VAL C 62 31.78 43.86 3.59
CA VAL C 62 32.52 44.77 2.74
C VAL C 62 32.92 44.09 1.44
N PHE C 63 32.55 44.71 0.32
CA PHE C 63 32.83 44.13 -0.98
C PHE C 63 34.07 44.79 -1.61
N LEU C 64 34.83 43.98 -2.34
CA LEU C 64 35.98 44.46 -3.10
C LEU C 64 35.63 44.50 -4.58
N LEU C 65 35.74 45.67 -5.20
CA LEU C 65 35.36 45.83 -6.60
C LEU C 65 36.53 45.54 -7.51
N PHE C 66 36.36 44.58 -8.40
CA PHE C 66 37.41 44.19 -9.34
C PHE C 66 36.96 44.42 -10.79
N PRO C 67 37.90 44.73 -11.68
CA PRO C 67 37.59 44.86 -13.11
C PRO C 67 36.95 43.60 -13.69
N GLU C 68 35.96 43.79 -14.55
CA GLU C 68 35.18 42.68 -15.05
C GLU C 68 36.01 41.68 -15.85
N GLU C 69 37.17 42.13 -16.32
CA GLU C 69 38.01 41.27 -17.16
C GLU C 69 38.96 40.38 -16.35
N PHE C 70 38.91 40.50 -15.02
CA PHE C 70 39.66 39.61 -14.14
C PHE C 70 39.17 38.17 -14.28
N SER C 71 40.09 37.23 -14.15
CA SER C 71 39.77 35.81 -14.20
C SER C 71 39.14 35.39 -12.88
N LYS C 72 38.48 34.24 -12.87
CA LYS C 72 37.90 33.69 -11.64
C LYS C 72 38.99 33.48 -10.60
N GLU C 73 40.10 32.90 -11.03
CA GLU C 73 41.24 32.60 -10.16
C GLU C 73 41.95 33.87 -9.68
N GLU C 74 41.96 34.91 -10.51
CA GLU C 74 42.57 36.18 -10.14
C GLU C 74 41.70 36.93 -9.14
N LEU C 75 40.39 36.81 -9.32
CA LEU C 75 39.43 37.38 -8.38
C LEU C 75 39.60 36.74 -7.00
N ARG C 76 39.65 35.42 -6.97
CA ARG C 76 39.85 34.69 -5.73
C ARG C 76 41.17 35.06 -5.07
N GLU C 77 42.28 34.84 -5.77
CA GLU C 77 43.61 35.01 -5.17
C GLU C 77 43.92 36.44 -4.70
N ARG C 78 43.39 37.44 -5.40
CA ARG C 78 43.54 38.82 -4.97
C ARG C 78 42.56 39.19 -3.87
N GLY C 79 41.33 38.71 -4.01
CA GLY C 79 40.28 39.00 -3.04
C GLY C 79 40.61 38.46 -1.67
N LEU C 80 40.99 37.18 -1.62
CA LEU C 80 41.38 36.55 -0.38
C LEU C 80 42.61 37.22 0.23
N GLU C 81 43.61 37.51 -0.60
CA GLU C 81 44.83 38.17 -0.13
C GLU C 81 44.52 39.50 0.57
N ILE C 82 43.69 40.33 -0.07
CA ILE C 82 43.31 41.62 0.49
C ILE C 82 42.62 41.44 1.83
N GLY C 83 41.60 40.59 1.86
CA GLY C 83 40.86 40.33 3.07
C GLY C 83 41.72 39.84 4.22
N LYS C 84 42.64 38.93 3.93
CA LYS C 84 43.52 38.39 4.96
C LYS C 84 44.38 39.49 5.57
N ALA C 85 44.90 40.37 4.72
CA ALA C 85 45.78 41.44 5.17
C ALA C 85 45.06 42.50 6.01
N VAL C 86 43.75 42.66 5.77
CA VAL C 86 42.96 43.71 6.42
C VAL C 86 42.37 43.28 7.76
N LEU C 87 42.14 41.98 7.93
CA LEU C 87 41.53 41.48 9.15
C LEU C 87 42.58 41.01 10.15
N ASP C 88 42.25 41.17 11.44
CA ASP C 88 43.12 40.73 12.52
C ASP C 88 43.34 39.21 12.44
N SER C 89 42.31 38.44 12.79
CA SER C 89 42.31 36.99 12.56
C SER C 89 41.40 36.69 11.38
N TYR C 90 41.54 35.51 10.80
CA TYR C 90 40.68 35.14 9.68
C TYR C 90 40.52 33.63 9.53
N GLU C 91 39.43 33.23 8.88
CA GLU C 91 39.18 31.85 8.52
C GLU C 91 38.72 31.83 7.05
N ILE C 92 39.13 30.80 6.32
CA ILE C 92 38.71 30.64 4.92
C ILE C 92 37.98 29.31 4.73
N ARG C 93 36.68 29.40 4.48
CA ARG C 93 35.85 28.22 4.28
C ARG C 93 34.53 28.60 3.60
N TYR C 94 34.41 28.25 2.33
CA TYR C 94 33.25 28.60 1.54
C TYR C 94 32.84 27.45 0.64
N ALA C 95 31.60 27.49 0.14
CA ALA C 95 31.06 26.40 -0.67
C ALA C 95 31.42 26.55 -2.15
N GLU C 96 31.44 27.79 -2.64
CA GLU C 96 31.76 28.08 -4.05
C GLU C 96 32.38 29.45 -4.19
N HIS C 97 31.62 30.49 -3.88
CA HIS C 97 32.13 31.85 -4.01
C HIS C 97 33.15 32.20 -2.92
N PRO C 98 34.40 32.54 -3.32
CA PRO C 98 35.44 32.79 -2.33
C PRO C 98 35.21 34.05 -1.50
N TYR C 99 35.59 34.00 -0.23
CA TYR C 99 35.57 35.18 0.61
C TYR C 99 36.32 34.89 1.90
N VAL C 100 36.49 35.93 2.71
CA VAL C 100 37.25 35.83 3.96
C VAL C 100 36.36 36.27 5.12
N HIS C 101 36.31 35.43 6.15
CA HIS C 101 35.59 35.75 7.36
C HIS C 101 36.60 35.89 8.50
N GLY C 102 36.48 36.94 9.28
CA GLY C 102 37.41 37.18 10.37
C GLY C 102 36.90 38.21 11.36
N VAL C 103 37.81 38.74 12.16
CA VAL C 103 37.45 39.69 13.21
C VAL C 103 38.34 40.91 13.14
N VAL C 104 37.78 42.06 13.49
CA VAL C 104 38.53 43.30 13.59
C VAL C 104 38.01 44.07 14.78
N LYS C 105 38.79 44.11 15.85
CA LYS C 105 38.39 44.77 17.09
C LYS C 105 37.06 44.25 17.58
N GLY C 106 36.95 42.92 17.66
CA GLY C 106 35.79 42.30 18.28
C GLY C 106 34.68 41.91 17.32
N VAL C 107 34.34 42.80 16.39
CA VAL C 107 33.22 42.58 15.47
C VAL C 107 33.59 41.70 14.27
N GLU C 108 32.64 40.86 13.87
CA GLU C 108 32.88 39.93 12.77
C GLU C 108 32.74 40.61 11.41
N VAL C 109 33.62 40.25 10.49
CA VAL C 109 33.70 40.90 9.20
C VAL C 109 33.70 39.86 8.09
N ASP C 110 33.02 40.18 6.99
CA ASP C 110 33.13 39.40 5.76
C ASP C 110 33.74 40.31 4.68
N VAL C 111 34.83 39.84 4.07
CA VAL C 111 35.44 40.55 2.94
C VAL C 111 35.23 39.74 1.67
N VAL C 112 34.43 40.27 0.74
CA VAL C 112 33.96 39.51 -0.42
C VAL C 112 34.39 40.13 -1.75
N PRO C 113 35.11 39.37 -2.60
CA PRO C 113 35.41 39.91 -3.93
C PRO C 113 34.24 39.79 -4.92
N CYS C 114 33.97 40.84 -5.69
CA CYS C 114 32.95 40.80 -6.75
C CYS C 114 33.38 41.62 -7.94
N TYR C 115 32.94 41.21 -9.13
CA TYR C 115 33.21 41.97 -10.34
C TYR C 115 32.40 43.25 -10.31
N LYS C 116 33.04 44.38 -10.60
CA LYS C 116 32.34 45.64 -10.69
C LYS C 116 31.66 45.71 -12.04
N LEU C 117 30.48 45.11 -12.13
CA LEU C 117 29.64 45.21 -13.33
C LEU C 117 28.81 46.48 -13.27
N LYS C 118 28.30 46.90 -14.42
CA LYS C 118 27.31 47.97 -14.48
C LYS C 118 26.00 47.36 -14.93
N GLU C 119 24.96 47.51 -14.10
CA GLU C 119 23.68 46.84 -14.30
C GLU C 119 23.88 45.32 -14.17
N PRO C 120 23.21 44.68 -13.19
CA PRO C 120 23.41 43.25 -12.98
C PRO C 120 22.44 42.42 -13.80
N LYS C 121 22.21 42.83 -15.04
CA LYS C 121 21.34 42.09 -15.94
C LYS C 121 21.89 40.69 -16.13
N ASN C 122 23.21 40.62 -16.24
CA ASN C 122 23.89 39.33 -16.30
C ASN C 122 25.13 39.40 -15.42
N ILE C 123 25.24 38.43 -14.51
CA ILE C 123 26.30 38.46 -13.51
C ILE C 123 27.38 37.43 -13.84
N LYS C 124 28.60 37.74 -13.40
CA LYS C 124 29.77 36.91 -13.68
C LYS C 124 30.12 36.02 -12.49
N SER C 125 29.99 36.55 -11.27
CA SER C 125 30.12 35.75 -10.04
C SER C 125 28.77 35.75 -9.32
N ALA C 126 28.68 35.01 -8.22
CA ALA C 126 27.40 34.74 -7.57
C ALA C 126 26.86 35.92 -6.78
N VAL C 127 27.75 36.81 -6.34
CA VAL C 127 27.37 37.87 -5.42
C VAL C 127 27.28 39.27 -6.05
N ASP C 128 27.42 39.34 -7.38
CA ASP C 128 27.52 40.61 -8.11
C ASP C 128 26.29 41.50 -7.95
N ARG C 129 25.18 40.93 -7.49
CA ARG C 129 23.96 41.73 -7.34
C ARG C 129 23.99 42.56 -6.06
N THR C 130 24.76 42.12 -5.08
CA THR C 130 24.77 42.76 -3.77
C THR C 130 25.11 44.26 -3.77
N PRO C 131 26.09 44.69 -4.59
CA PRO C 131 26.36 46.13 -4.72
C PRO C 131 25.12 46.90 -5.18
N PHE C 132 24.42 46.37 -6.18
CA PHE C 132 23.22 47.02 -6.69
C PHE C 132 22.06 46.93 -5.69
N HIS C 133 22.10 45.92 -4.81
CA HIS C 133 21.08 45.76 -3.78
C HIS C 133 21.14 46.97 -2.86
N HIS C 134 22.34 47.38 -2.49
CA HIS C 134 22.51 48.46 -1.53
C HIS C 134 22.06 49.79 -2.14
N LYS C 135 22.44 50.02 -3.39
CA LYS C 135 22.12 51.27 -4.09
C LYS C 135 20.60 51.46 -4.20
N TRP C 136 19.91 50.38 -4.54
CA TRP C 136 18.45 50.41 -4.67
C TRP C 136 17.74 50.57 -3.33
N LEU C 137 18.40 50.14 -2.27
CA LEU C 137 17.75 50.00 -0.98
C LEU C 137 18.17 51.08 0.02
N GLU C 138 19.35 51.66 -0.18
CA GLU C 138 19.90 52.62 0.78
C GLU C 138 19.00 53.81 1.02
N GLY C 139 18.26 54.20 -0.02
CA GLY C 139 17.33 55.31 0.08
C GLY C 139 15.96 54.86 0.57
N ARG C 140 15.34 53.98 -0.20
CA ARG C 140 13.97 53.54 0.06
C ARG C 140 13.74 52.95 1.46
N ILE C 141 14.81 52.49 2.11
CA ILE C 141 14.68 51.82 3.40
C ILE C 141 14.72 52.79 4.57
N LYS C 142 15.31 53.96 4.34
CA LYS C 142 15.54 54.92 5.41
C LYS C 142 14.24 55.28 6.13
N GLY C 143 14.28 55.24 7.47
CA GLY C 143 13.11 55.53 8.27
C GLY C 143 12.28 54.30 8.59
N LYS C 144 12.61 53.19 7.96
CA LYS C 144 11.88 51.94 8.15
C LYS C 144 12.80 50.84 8.66
N GLU C 145 14.00 51.23 9.06
CA GLU C 145 15.01 50.26 9.46
C GLU C 145 14.57 49.47 10.68
N ASN C 146 13.82 50.09 11.58
CA ASN C 146 13.30 49.38 12.74
C ASN C 146 12.17 48.44 12.37
N GLU C 147 11.44 48.76 11.31
CA GLU C 147 10.38 47.89 10.85
C GLU C 147 11.00 46.61 10.31
N VAL C 148 12.22 46.72 9.78
CA VAL C 148 12.95 45.57 9.30
C VAL C 148 13.44 44.73 10.45
N ARG C 149 13.86 45.38 11.53
CA ARG C 149 14.36 44.67 12.70
C ARG C 149 13.26 43.86 13.41
N LEU C 150 12.01 44.31 13.28
CA LEU C 150 10.90 43.59 13.86
C LEU C 150 10.63 42.30 13.08
N LEU C 151 10.58 42.40 11.76
CA LEU C 151 10.35 41.24 10.90
C LEU C 151 11.49 40.22 11.06
N LYS C 152 12.73 40.71 11.09
CA LYS C 152 13.89 39.82 11.26
C LYS C 152 13.87 39.11 12.59
N GLY C 153 13.54 39.82 13.66
CA GLY C 153 13.50 39.24 14.99
C GLY C 153 12.33 38.28 15.13
N PHE C 154 11.25 38.58 14.43
CA PHE C 154 10.07 37.74 14.40
C PHE C 154 10.44 36.41 13.74
N LEU C 155 11.05 36.49 12.56
CA LEU C 155 11.41 35.30 11.80
C LEU C 155 12.48 34.47 12.49
N LYS C 156 13.39 35.14 13.19
CA LYS C 156 14.51 34.47 13.84
C LYS C 156 14.05 33.73 15.10
N ALA C 157 12.98 34.20 15.72
CA ALA C 157 12.52 33.60 16.96
C ALA C 157 11.76 32.31 16.69
N ASN C 158 11.27 32.19 15.46
CA ASN C 158 10.50 31.02 15.03
C ASN C 158 11.28 30.17 14.03
N GLY C 159 12.60 30.35 14.04
CA GLY C 159 13.51 29.50 13.30
C GLY C 159 13.31 29.49 11.80
N ILE C 160 12.96 30.63 11.21
CA ILE C 160 12.80 30.70 9.76
C ILE C 160 13.46 31.95 9.13
N TYR C 161 14.43 32.51 9.85
CA TYR C 161 15.29 33.54 9.30
C TYR C 161 16.61 32.94 8.79
N GLY C 162 16.91 33.18 7.53
CA GLY C 162 18.09 32.64 6.88
C GLY C 162 17.74 31.81 5.66
N ALA C 163 18.29 32.19 4.52
CA ALA C 163 18.04 31.49 3.28
C ALA C 163 18.98 30.31 3.07
N GLU C 164 19.91 30.09 3.98
CA GLU C 164 20.86 28.99 3.84
C GLU C 164 20.15 27.63 4.05
N TYR C 165 20.65 26.58 3.40
CA TYR C 165 19.98 25.27 3.37
C TYR C 165 19.68 24.67 4.74
N LYS C 166 20.44 25.06 5.75
CA LYS C 166 20.14 24.66 7.11
C LYS C 166 18.76 25.16 7.55
N VAL C 167 18.32 26.29 7.00
CA VAL C 167 17.08 26.94 7.43
C VAL C 167 15.99 26.93 6.36
N ARG C 168 16.36 27.29 5.14
CA ARG C 168 15.41 27.41 4.02
C ARG C 168 14.28 28.38 4.38
N GLY C 169 14.68 29.57 4.83
CA GLY C 169 13.76 30.60 5.29
C GLY C 169 13.93 31.91 4.55
N PHE C 170 13.63 33.02 5.21
CA PHE C 170 13.68 34.34 4.59
C PHE C 170 15.05 34.98 4.81
N SER C 171 15.69 35.43 3.72
CA SER C 171 16.95 36.16 3.82
C SER C 171 16.71 37.55 4.38
N GLY C 172 17.77 38.20 4.84
CA GLY C 172 17.67 39.55 5.37
C GLY C 172 17.18 40.50 4.29
N TYR C 173 17.78 40.38 3.11
CA TYR C 173 17.46 41.24 1.98
C TYR C 173 16.01 41.09 1.56
N LEU C 174 15.46 39.91 1.78
CA LEU C 174 14.05 39.65 1.50
C LEU C 174 13.17 40.37 2.50
N CYS C 175 13.53 40.33 3.78
CA CYS C 175 12.78 41.04 4.81
C CYS C 175 12.70 42.55 4.50
N GLU C 176 13.81 43.10 4.03
CA GLU C 176 13.86 44.51 3.68
C GLU C 176 12.93 44.80 2.50
N LEU C 177 13.02 44.00 1.45
CA LEU C 177 12.15 44.19 0.30
C LEU C 177 10.68 44.19 0.69
N LEU C 178 10.31 43.34 1.66
CA LEU C 178 8.93 43.26 2.11
C LEU C 178 8.51 44.54 2.82
N ILE C 179 9.39 45.07 3.66
CA ILE C 179 9.09 46.32 4.36
C ILE C 179 8.89 47.48 3.37
N VAL C 180 9.72 47.55 2.35
CA VAL C 180 9.58 48.61 1.34
C VAL C 180 8.27 48.44 0.57
N PHE C 181 7.85 47.19 0.40
CA PHE C 181 6.63 46.88 -0.35
C PHE C 181 5.36 47.20 0.44
N TYR C 182 5.28 46.70 1.67
CA TYR C 182 4.09 46.89 2.50
C TYR C 182 4.18 48.11 3.41
N GLY C 183 5.39 48.65 3.57
CA GLY C 183 5.58 49.88 4.32
C GLY C 183 5.89 49.70 5.78
N SER C 184 5.46 48.58 6.36
CA SER C 184 5.74 48.33 7.77
C SER C 184 5.63 46.85 8.11
N PHE C 185 6.03 46.51 9.33
CA PHE C 185 5.98 45.13 9.80
C PHE C 185 4.54 44.68 9.98
N LEU C 186 3.74 45.51 10.61
CA LEU C 186 2.36 45.16 10.91
C LEU C 186 1.58 44.93 9.62
N GLU C 187 1.87 45.73 8.60
CA GLU C 187 1.20 45.56 7.30
C GLU C 187 1.73 44.34 6.57
N THR C 188 2.96 43.93 6.89
CA THR C 188 3.53 42.73 6.29
C THR C 188 2.85 41.51 6.89
N VAL C 189 2.78 41.45 8.22
CA VAL C 189 2.09 40.34 8.88
C VAL C 189 0.63 40.22 8.46
N LYS C 190 -0.07 41.34 8.33
CA LYS C 190 -1.47 41.32 7.92
C LYS C 190 -1.68 40.76 6.51
N ASN C 191 -0.94 41.30 5.55
CA ASN C 191 -1.10 40.89 4.15
C ASN C 191 -0.58 39.48 3.88
N ALA C 192 0.35 39.03 4.71
CA ALA C 192 0.99 37.72 4.53
C ALA C 192 0.01 36.60 4.84
N ARG C 193 -0.98 36.88 5.70
CA ARG C 193 -2.00 35.90 6.06
C ARG C 193 -2.78 35.36 4.86
N ARG C 194 -2.73 36.09 3.75
CA ARG C 194 -3.41 35.67 2.52
C ARG C 194 -2.43 35.27 1.40
N TRP C 195 -1.16 35.03 1.76
CA TRP C 195 -0.18 34.50 0.82
C TRP C 195 -0.49 33.06 0.46
N THR C 196 -0.07 32.64 -0.73
CA THR C 196 -0.27 31.28 -1.19
C THR C 196 0.98 30.82 -1.92
N ARG C 197 1.04 29.56 -2.30
CA ARG C 197 2.22 29.03 -2.97
C ARG C 197 2.39 29.58 -4.40
N ARG C 198 1.42 30.35 -4.89
CA ARG C 198 1.49 30.90 -6.25
C ARG C 198 1.60 32.42 -6.26
N THR C 199 1.64 33.04 -5.07
CA THR C 199 1.81 34.49 -4.95
C THR C 199 3.11 34.96 -5.60
N VAL C 200 3.04 36.14 -6.23
CA VAL C 200 4.20 36.76 -6.86
C VAL C 200 4.24 38.23 -6.45
N ILE C 201 5.31 38.63 -5.77
CA ILE C 201 5.45 39.99 -5.27
C ILE C 201 6.51 40.76 -6.08
N ASP C 202 6.06 41.76 -6.83
CA ASP C 202 6.96 42.61 -7.63
C ASP C 202 7.17 43.96 -6.95
N VAL C 203 8.31 44.10 -6.26
CA VAL C 203 8.57 45.27 -5.45
C VAL C 203 8.76 46.50 -6.33
N ALA C 204 9.38 46.29 -7.50
CA ALA C 204 9.72 47.38 -8.40
C ALA C 204 8.46 48.03 -9.00
N LYS C 205 7.43 47.22 -9.24
CA LYS C 205 6.19 47.70 -9.83
C LYS C 205 5.10 47.94 -8.78
N GLY C 206 5.37 47.60 -7.53
CA GLY C 206 4.40 47.78 -6.45
C GLY C 206 3.08 47.06 -6.67
N GLU C 207 3.15 45.87 -7.29
CA GLU C 207 1.96 45.07 -7.61
C GLU C 207 2.14 43.60 -7.19
N VAL C 208 1.03 42.86 -7.17
CA VAL C 208 1.03 41.43 -6.86
C VAL C 208 0.48 40.66 -8.07
N ARG C 209 0.95 39.44 -8.28
CA ARG C 209 0.47 38.63 -9.39
C ARG C 209 0.27 37.20 -8.92
N LYS C 210 0.20 36.28 -9.88
CA LYS C 210 0.08 34.86 -9.58
C LYS C 210 0.92 34.06 -10.56
N GLY C 211 1.88 33.31 -10.05
CA GLY C 211 2.76 32.51 -10.89
C GLY C 211 2.69 31.03 -10.56
N GLU C 212 3.72 30.30 -10.95
CA GLU C 212 3.77 28.86 -10.73
C GLU C 212 4.24 28.57 -9.32
N GLU C 213 5.14 29.40 -8.80
CA GLU C 213 5.62 29.25 -7.44
C GLU C 213 5.71 30.58 -6.71
N PHE C 214 5.95 30.52 -5.40
CA PHE C 214 6.11 31.73 -4.60
C PHE C 214 7.37 32.44 -5.09
N PHE C 215 7.23 33.70 -5.47
CA PHE C 215 8.26 34.42 -6.23
C PHE C 215 8.22 35.91 -5.89
N VAL C 216 9.15 36.34 -5.06
CA VAL C 216 9.35 37.74 -4.74
C VAL C 216 10.45 38.29 -5.63
N VAL C 217 10.09 38.87 -6.77
CA VAL C 217 11.09 39.29 -7.75
C VAL C 217 12.01 40.42 -7.25
N ASP C 218 13.29 40.26 -7.57
CA ASP C 218 14.35 41.18 -7.14
C ASP C 218 14.24 42.45 -7.99
N PRO C 219 14.02 43.61 -7.33
CA PRO C 219 13.92 44.85 -8.11
C PRO C 219 15.19 45.18 -8.89
N VAL C 220 16.27 44.47 -8.60
CA VAL C 220 17.57 44.64 -9.26
C VAL C 220 17.75 43.67 -10.45
N ASP C 221 16.98 42.58 -10.45
CA ASP C 221 17.04 41.57 -11.51
C ASP C 221 15.67 40.90 -11.60
N GLU C 222 14.97 41.09 -12.71
CA GLU C 222 13.60 40.61 -12.83
C GLU C 222 13.50 39.07 -12.89
N LYS C 223 14.60 38.42 -13.24
CA LYS C 223 14.62 36.95 -13.34
C LYS C 223 15.00 36.29 -12.02
N ARG C 224 15.56 37.07 -11.10
CA ARG C 224 15.98 36.57 -9.80
C ARG C 224 14.82 36.56 -8.80
N ASN C 225 14.48 35.37 -8.30
CA ASN C 225 13.52 35.20 -7.20
C ASN C 225 14.26 35.26 -5.87
N VAL C 226 14.01 36.31 -5.11
CA VAL C 226 14.69 36.50 -3.83
C VAL C 226 14.31 35.41 -2.83
N ALA C 227 13.09 34.89 -2.95
CA ALA C 227 12.64 33.81 -2.07
C ALA C 227 12.77 32.43 -2.73
N ALA C 228 13.84 32.25 -3.49
CA ALA C 228 14.07 31.00 -4.23
C ALA C 228 14.30 29.80 -3.31
N ASN C 229 14.92 30.04 -2.16
CA ASN C 229 15.28 28.95 -1.26
C ASN C 229 14.39 28.92 -0.05
N LEU C 230 13.30 29.68 -0.08
CA LEU C 230 12.29 29.54 0.95
C LEU C 230 11.47 28.31 0.64
N SER C 231 11.49 27.32 1.55
CA SER C 231 10.74 26.09 1.32
C SER C 231 9.24 26.37 1.45
N LEU C 232 8.44 25.50 0.83
CA LEU C 232 6.99 25.57 0.91
C LEU C 232 6.50 25.52 2.35
N ASP C 233 7.10 24.66 3.16
CA ASP C 233 6.67 24.45 4.54
C ASP C 233 7.06 25.62 5.45
N ASN C 234 8.17 26.28 5.16
CA ASN C 234 8.52 27.47 5.93
C ASN C 234 7.70 28.70 5.53
N LEU C 235 7.33 28.78 4.25
CA LEU C 235 6.34 29.73 3.81
C LEU C 235 5.05 29.53 4.61
N ALA C 236 4.58 28.28 4.63
CA ALA C 236 3.35 27.91 5.32
C ALA C 236 3.43 28.24 6.80
N ARG C 237 4.54 27.92 7.42
CA ARG C 237 4.70 28.17 8.84
C ARG C 237 4.64 29.67 9.08
N PHE C 238 5.12 30.45 8.13
CA PHE C 238 5.11 31.89 8.28
C PHE C 238 3.68 32.40 8.16
N VAL C 239 3.02 32.04 7.07
CA VAL C 239 1.66 32.48 6.83
C VAL C 239 0.75 32.14 8.02
N HIS C 240 1.01 31.01 8.66
CA HIS C 240 0.20 30.58 9.79
C HIS C 240 0.55 31.37 11.04
N LEU C 241 1.83 31.63 11.24
CA LEU C 241 2.31 32.43 12.36
C LEU C 241 1.69 33.82 12.36
N CYS C 242 1.54 34.38 11.16
CA CYS C 242 0.95 35.70 10.99
C CYS C 242 -0.52 35.66 11.37
N ARG C 243 -1.23 34.62 10.91
CA ARG C 243 -2.63 34.43 11.28
C ARG C 243 -2.79 34.25 12.77
N GLU C 244 -1.86 33.53 13.40
CA GLU C 244 -1.89 33.33 14.83
C GLU C 244 -1.59 34.61 15.60
N PHE C 245 -0.73 35.45 15.04
CA PHE C 245 -0.27 36.64 15.72
C PHE C 245 -1.34 37.72 15.75
N MET C 246 -1.98 37.93 14.61
CA MET C 246 -3.03 38.94 14.49
C MET C 246 -4.25 38.57 15.31
N GLU C 247 -4.49 37.28 15.49
CA GLU C 247 -5.61 36.82 16.29
C GLU C 247 -5.35 37.06 17.78
N ALA C 248 -4.11 36.88 18.21
CA ALA C 248 -3.75 36.99 19.62
C ALA C 248 -2.28 37.39 19.78
N PRO C 249 -1.98 38.67 19.51
CA PRO C 249 -0.62 39.19 19.59
C PRO C 249 0.04 38.88 20.92
N SER C 250 1.35 38.68 20.91
CA SER C 250 2.10 38.40 22.12
C SER C 250 3.56 38.75 21.90
N LEU C 251 4.27 38.95 23.00
CA LEU C 251 5.69 39.27 22.93
C LEU C 251 6.51 38.01 22.69
N GLY C 252 5.94 36.86 23.06
CA GLY C 252 6.62 35.59 22.93
C GLY C 252 6.98 35.23 21.51
N PHE C 253 6.25 35.80 20.56
CA PHE C 253 6.53 35.60 19.13
C PHE C 253 7.93 36.12 18.75
N PHE C 254 8.48 37.01 19.56
CA PHE C 254 9.80 37.61 19.32
C PHE C 254 10.87 37.07 20.24
N LYS C 255 10.52 36.04 21.02
CA LYS C 255 11.47 35.35 21.89
C LYS C 255 11.77 33.95 21.36
N PRO C 256 13.02 33.50 21.46
CA PRO C 256 13.37 32.11 21.10
C PRO C 256 12.64 31.08 21.97
N LYS C 257 12.27 29.95 21.36
CA LYS C 257 11.55 28.89 22.07
C LYS C 257 12.50 27.89 22.75
N ILE C 262 13.93 17.33 27.49
CA ILE C 262 13.19 16.12 27.88
C ILE C 262 14.13 14.95 28.13
N GLU C 263 13.78 14.16 29.14
CA GLU C 263 14.67 13.11 29.67
C GLU C 263 14.51 11.77 28.98
N PRO C 264 15.58 10.97 28.95
CA PRO C 264 15.57 9.67 28.28
C PRO C 264 14.40 8.78 28.69
N GLU C 265 14.05 8.81 29.96
CA GLU C 265 12.98 7.97 30.47
C GLU C 265 11.61 8.40 29.95
N ARG C 266 11.33 9.71 29.98
CA ARG C 266 10.04 10.20 29.53
C ARG C 266 9.91 9.94 28.02
N LEU C 267 11.03 10.04 27.32
CA LEU C 267 11.03 9.82 25.88
C LEU C 267 10.80 8.34 25.59
N ARG C 268 11.40 7.47 26.40
CA ARG C 268 11.17 6.05 26.27
C ARG C 268 9.67 5.73 26.46
N LYS C 269 8.99 6.48 27.33
CA LYS C 269 7.56 6.26 27.60
C LYS C 269 6.71 6.74 26.44
N ILE C 270 7.08 7.88 25.87
CA ILE C 270 6.37 8.38 24.70
C ILE C 270 6.48 7.38 23.54
N VAL C 271 7.67 6.89 23.26
CA VAL C 271 7.85 5.94 22.17
C VAL C 271 7.05 4.66 22.44
N GLU C 272 7.04 4.21 23.68
CA GLU C 272 6.31 3.00 24.02
C GLU C 272 4.81 3.21 23.79
N GLU C 273 4.28 4.35 24.24
CA GLU C 273 2.88 4.68 24.04
C GLU C 273 2.54 4.80 22.55
N ARG C 274 3.50 5.25 21.76
CA ARG C 274 3.27 5.41 20.33
C ARG C 274 3.27 4.05 19.63
N GLY C 275 3.95 3.07 20.21
CA GLY C 275 4.09 1.75 19.64
C GLY C 275 4.87 1.68 18.33
N THR C 276 5.65 2.72 18.03
CA THR C 276 6.39 2.80 16.79
C THR C 276 7.84 2.37 16.96
N ALA C 277 8.47 2.04 15.85
CA ALA C 277 9.90 1.78 15.79
C ALA C 277 10.65 3.09 15.56
N VAL C 278 11.51 3.44 16.51
CA VAL C 278 12.29 4.68 16.41
C VAL C 278 13.78 4.37 16.40
N PHE C 279 14.47 4.83 15.37
CA PHE C 279 15.87 4.51 15.24
C PHE C 279 16.62 5.54 14.44
N ALA C 280 17.94 5.46 14.54
CA ALA C 280 18.80 6.40 13.87
C ALA C 280 19.91 5.66 13.17
N VAL C 281 20.33 6.21 12.05
CA VAL C 281 21.55 5.82 11.37
C VAL C 281 22.60 6.85 11.80
N LYS C 282 23.67 6.40 12.44
CA LYS C 282 24.71 7.27 12.98
C LYS C 282 26.01 7.05 12.20
N PHE C 283 26.72 8.13 11.88
CA PHE C 283 27.97 8.04 11.12
C PHE C 283 28.79 9.33 11.30
N ARG C 284 30.08 9.29 10.91
CA ARG C 284 30.97 10.43 11.07
C ARG C 284 30.56 11.60 10.20
N LYS C 285 30.53 12.80 10.79
CA LYS C 285 30.19 13.98 10.05
C LYS C 285 31.29 14.21 9.05
N PRO C 286 30.93 14.36 7.77
CA PRO C 286 32.01 14.66 6.83
C PRO C 286 32.49 16.07 7.04
N ASP C 287 33.78 16.31 6.90
CA ASP C 287 34.33 17.64 7.13
C ASP C 287 34.02 18.60 5.98
N ILE C 288 32.81 19.12 5.95
CA ILE C 288 32.36 19.99 4.87
C ILE C 288 31.45 21.08 5.40
N VAL C 289 31.34 22.15 4.61
CA VAL C 289 30.49 23.29 4.98
C VAL C 289 29.01 22.88 5.03
N ASP C 290 28.26 23.51 5.94
CA ASP C 290 26.82 23.23 6.09
C ASP C 290 26.05 23.21 4.77
N ASP C 291 26.42 24.11 3.86
CA ASP C 291 25.63 24.30 2.66
C ASP C 291 25.80 23.17 1.66
N ASN C 292 26.81 22.35 1.91
CA ASN C 292 26.99 21.11 1.16
C ASN C 292 26.38 19.98 1.97
N LEU C 293 26.51 20.06 3.30
CA LEU C 293 26.13 18.97 4.20
C LEU C 293 24.61 18.77 4.24
N TYR C 294 23.88 19.86 4.49
CA TYR C 294 22.44 19.74 4.78
C TYR C 294 21.61 19.20 3.61
N PRO C 295 21.85 19.70 2.39
CA PRO C 295 21.18 19.11 1.23
C PRO C 295 21.47 17.62 1.09
N GLN C 296 22.65 17.18 1.53
CA GLN C 296 23.01 15.76 1.45
C GLN C 296 22.33 14.97 2.55
N LEU C 297 22.23 15.56 3.74
CA LEU C 297 21.45 14.94 4.80
C LEU C 297 19.99 14.80 4.39
N GLU C 298 19.44 15.82 3.74
CA GLU C 298 18.07 15.78 3.27
C GLU C 298 17.90 14.66 2.26
N ARG C 299 18.89 14.50 1.37
CA ARG C 299 18.80 13.49 0.32
C ARG C 299 18.84 12.08 0.87
N ALA C 300 19.75 11.83 1.82
CA ALA C 300 19.90 10.53 2.44
C ALA C 300 18.67 10.12 3.24
N SER C 301 18.09 11.06 3.98
CA SER C 301 16.85 10.82 4.74
C SER C 301 15.71 10.42 3.83
N ARG C 302 15.53 11.18 2.74
CA ARG C 302 14.46 10.92 1.80
C ARG C 302 14.61 9.54 1.19
N LYS C 303 15.85 9.19 0.84
CA LYS C 303 16.13 7.95 0.14
C LYS C 303 15.84 6.77 1.07
N ILE C 304 16.25 6.88 2.32
CA ILE C 304 15.98 5.81 3.28
C ILE C 304 14.48 5.77 3.61
N PHE C 305 13.85 6.94 3.69
CA PHE C 305 12.42 7.04 3.95
C PHE C 305 11.63 6.34 2.83
N GLU C 306 12.02 6.57 1.59
CA GLU C 306 11.35 5.95 0.45
C GLU C 306 11.58 4.45 0.42
N PHE C 307 12.78 4.02 0.84
CA PHE C 307 13.06 2.59 0.95
C PHE C 307 12.10 1.93 1.93
N LEU C 308 11.98 2.52 3.12
CA LEU C 308 11.07 2.03 4.15
C LEU C 308 9.62 1.96 3.67
N GLU C 309 9.22 2.91 2.84
CA GLU C 309 7.87 2.91 2.30
C GLU C 309 7.66 1.70 1.39
N ARG C 310 8.59 1.47 0.48
CA ARG C 310 8.52 0.35 -0.46
C ARG C 310 8.57 -0.97 0.24
N GLU C 311 9.22 -1.00 1.39
CA GLU C 311 9.36 -2.25 2.14
C GLU C 311 8.26 -2.47 3.19
N ASN C 312 7.18 -1.68 3.12
CA ASN C 312 5.98 -1.86 3.95
C ASN C 312 6.17 -1.67 5.46
N PHE C 313 7.15 -0.87 5.84
CA PHE C 313 7.39 -0.56 7.24
C PHE C 313 6.61 0.69 7.67
N MET C 314 5.94 1.33 6.72
CA MET C 314 5.04 2.45 6.99
C MET C 314 5.68 3.57 7.81
N PRO C 315 6.73 4.19 7.25
CA PRO C 315 7.41 5.27 7.94
C PRO C 315 6.48 6.45 8.15
N LEU C 316 6.60 7.10 9.30
CA LEU C 316 5.78 8.26 9.62
C LEU C 316 6.47 9.57 9.24
N ARG C 317 7.59 9.88 9.89
CA ARG C 317 8.38 11.04 9.55
C ARG C 317 9.85 10.71 9.69
N SER C 318 10.67 11.63 9.20
CA SER C 318 12.09 11.53 9.37
C SER C 318 12.64 12.89 9.74
N ALA C 319 13.86 12.90 10.25
CA ALA C 319 14.56 14.13 10.57
C ALA C 319 16.05 13.81 10.52
N PHE C 320 16.89 14.84 10.66
CA PHE C 320 18.33 14.64 10.72
C PHE C 320 18.97 15.64 11.68
N LYS C 321 20.20 15.38 12.08
CA LYS C 321 20.91 16.23 13.03
C LYS C 321 22.42 16.05 12.88
N ALA C 322 23.16 17.16 12.86
CA ALA C 322 24.62 17.10 12.82
C ALA C 322 25.20 17.62 14.13
N SER C 323 26.01 16.80 14.80
CA SER C 323 26.82 17.26 15.94
C SER C 323 28.13 17.83 15.42
N GLU C 324 29.15 17.85 16.27
CA GLU C 324 30.47 18.29 15.84
C GLU C 324 31.19 17.14 15.18
N GLU C 325 30.86 15.93 15.60
CA GLU C 325 31.58 14.76 15.11
C GLU C 325 30.67 13.77 14.36
N PHE C 326 29.39 13.73 14.73
CA PHE C 326 28.47 12.74 14.19
C PHE C 326 27.22 13.35 13.58
N CYS C 327 26.73 12.68 12.54
CA CYS C 327 25.43 12.93 11.95
C CYS C 327 24.46 11.80 12.31
N TYR C 328 23.18 12.14 12.40
CA TYR C 328 22.13 11.18 12.72
C TYR C 328 20.99 11.34 11.74
N LEU C 329 20.60 10.24 11.10
CA LEU C 329 19.40 10.21 10.29
C LEU C 329 18.32 9.48 11.10
N LEU C 330 17.24 10.19 11.39
CA LEU C 330 16.21 9.72 12.33
C LEU C 330 14.93 9.30 11.61
N PHE C 331 14.38 8.16 12.02
CA PHE C 331 13.17 7.61 11.41
C PHE C 331 12.20 7.07 12.45
N GLU C 332 10.91 7.19 12.16
CA GLU C 332 9.87 6.57 12.95
C GLU C 332 8.90 5.81 12.04
N CYS C 333 8.75 4.51 12.30
CA CYS C 333 7.90 3.64 11.49
C CYS C 333 6.77 3.02 12.29
N GLN C 334 5.65 2.75 11.65
CA GLN C 334 4.53 2.12 12.33
C GLN C 334 4.78 0.64 12.56
N ILE C 335 5.59 0.02 11.71
CA ILE C 335 5.85 -1.41 11.79
C ILE C 335 7.21 -1.68 12.43
N LYS C 336 7.23 -2.34 13.60
CA LYS C 336 8.49 -2.68 14.26
C LYS C 336 8.99 -4.00 13.71
N GLU C 337 8.05 -4.86 13.36
CA GLU C 337 8.40 -6.15 12.79
C GLU C 337 7.36 -6.58 11.77
N ILE C 338 7.80 -7.24 10.72
CA ILE C 338 6.92 -7.73 9.65
C ILE C 338 7.25 -9.20 9.43
N SER C 339 6.34 -9.95 8.83
CA SER C 339 6.53 -11.39 8.66
C SER C 339 7.66 -11.64 7.66
N ARG C 340 8.21 -12.84 7.65
CA ARG C 340 9.15 -13.23 6.60
C ARG C 340 8.43 -13.40 5.27
N VAL C 341 7.29 -14.11 5.26
CA VAL C 341 6.55 -14.30 4.02
C VAL C 341 5.85 -13.03 3.49
N PHE C 342 5.87 -12.89 2.17
CA PHE C 342 5.06 -11.90 1.50
C PHE C 342 4.59 -12.50 0.16
N ARG C 343 3.64 -11.84 -0.52
CA ARG C 343 3.20 -12.32 -1.82
C ARG C 343 3.74 -11.45 -2.95
N ARG C 344 4.16 -12.14 -4.00
CA ARG C 344 4.70 -11.50 -5.20
C ARG C 344 3.80 -11.88 -6.36
N MET C 345 3.38 -10.86 -7.09
CA MET C 345 2.50 -11.03 -8.22
C MET C 345 3.20 -11.77 -9.35
N GLY C 346 2.56 -12.81 -9.86
CA GLY C 346 3.00 -13.49 -11.06
C GLY C 346 2.12 -13.15 -12.28
N PRO C 347 2.36 -13.85 -13.40
CA PRO C 347 1.68 -13.54 -14.66
C PRO C 347 0.24 -14.09 -14.74
N GLN C 348 -0.52 -13.66 -15.74
CA GLN C 348 -1.88 -14.19 -15.95
C GLN C 348 -1.75 -15.65 -16.33
N PHE C 349 -2.77 -16.46 -16.04
CA PHE C 349 -2.67 -17.91 -16.25
C PHE C 349 -2.55 -18.28 -17.73
N GLU C 350 -2.95 -17.36 -18.61
CA GLU C 350 -3.00 -17.64 -20.04
C GLU C 350 -1.65 -17.92 -20.68
N ASP C 351 -0.61 -17.14 -20.39
CA ASP C 351 0.65 -17.32 -21.13
C ASP C 351 1.61 -18.24 -20.44
N GLU C 352 1.69 -19.44 -20.98
CA GLU C 352 2.35 -20.52 -20.29
C GLU C 352 3.84 -20.28 -20.18
N ARG C 353 4.38 -19.44 -21.04
CA ARG C 353 5.83 -19.29 -21.04
C ARG C 353 6.26 -18.56 -19.79
N ASN C 354 5.58 -17.45 -19.49
CA ASN C 354 5.88 -16.66 -18.29
C ASN C 354 5.50 -17.41 -17.03
N VAL C 355 4.45 -18.21 -17.14
CA VAL C 355 4.02 -19.04 -16.02
C VAL C 355 5.09 -20.10 -15.75
N LYS C 356 5.55 -20.77 -16.79
CA LYS C 356 6.58 -21.81 -16.61
C LYS C 356 7.83 -21.25 -15.93
N LYS C 357 8.29 -20.09 -16.39
CA LYS C 357 9.42 -19.40 -15.77
C LYS C 357 9.11 -18.99 -14.32
N PHE C 358 7.90 -18.50 -14.09
CA PHE C 358 7.49 -18.10 -12.75
C PHE C 358 7.47 -19.29 -11.80
N LEU C 359 7.00 -20.44 -12.24
CA LEU C 359 6.96 -21.61 -11.40
C LEU C 359 8.32 -22.33 -11.34
N SER C 360 9.22 -22.01 -12.26
CA SER C 360 10.53 -22.66 -12.29
C SER C 360 11.39 -22.27 -11.08
N ARG C 361 11.13 -21.11 -10.50
CA ARG C 361 11.92 -20.58 -9.38
C ARG C 361 11.80 -21.46 -8.15
N ASN C 362 12.91 -21.67 -7.47
CA ASN C 362 12.91 -22.40 -6.21
C ASN C 362 12.47 -21.54 -5.02
N ARG C 363 11.36 -21.91 -4.39
CA ARG C 363 10.78 -21.16 -3.28
C ARG C 363 10.44 -22.12 -2.16
N ALA C 364 10.16 -21.59 -0.98
CA ALA C 364 9.93 -22.44 0.16
C ALA C 364 8.51 -23.00 0.17
N PHE C 365 7.58 -22.26 -0.41
CA PHE C 365 6.16 -22.62 -0.38
C PHE C 365 5.56 -22.64 -1.77
N ARG C 366 4.41 -23.27 -1.92
CA ARG C 366 3.83 -23.47 -3.26
C ARG C 366 3.16 -22.19 -3.73
N PRO C 367 3.34 -21.87 -5.02
CA PRO C 367 2.57 -20.74 -5.54
C PRO C 367 1.09 -21.11 -5.69
N PHE C 368 0.25 -20.10 -5.88
CA PHE C 368 -1.18 -20.32 -5.96
C PHE C 368 -1.82 -19.40 -7.00
N ILE C 369 -3.04 -19.72 -7.39
CA ILE C 369 -3.80 -18.87 -8.33
C ILE C 369 -4.84 -18.08 -7.55
N GLU C 370 -5.00 -16.82 -7.91
CA GLU C 370 -5.96 -15.95 -7.28
C GLU C 370 -6.39 -14.89 -8.30
N ASN C 371 -7.70 -14.80 -8.52
CA ASN C 371 -8.29 -13.95 -9.56
C ASN C 371 -7.58 -13.96 -10.93
N GLY C 372 -7.32 -15.16 -11.44
CA GLY C 372 -6.70 -15.29 -12.75
C GLY C 372 -5.18 -15.20 -12.85
N ARG C 373 -4.49 -14.72 -11.80
CA ARG C 373 -3.05 -14.53 -11.85
C ARG C 373 -2.41 -15.53 -10.94
N TRP C 374 -1.18 -15.92 -11.27
CA TRP C 374 -0.37 -16.70 -10.35
C TRP C 374 0.23 -15.77 -9.31
N TRP C 375 0.42 -16.30 -8.10
CA TRP C 375 1.05 -15.55 -7.01
C TRP C 375 2.01 -16.48 -6.30
N ALA C 376 3.09 -15.92 -5.76
CA ALA C 376 4.04 -16.73 -5.02
C ALA C 376 4.26 -16.15 -3.65
N PHE C 377 4.41 -17.03 -2.68
CA PHE C 377 4.95 -16.67 -1.39
C PHE C 377 6.47 -16.61 -1.51
N GLU C 378 7.07 -15.52 -1.02
CA GLU C 378 8.51 -15.33 -1.01
C GLU C 378 8.96 -15.03 0.41
N MET C 379 10.27 -15.06 0.66
CA MET C 379 10.78 -14.84 2.01
C MET C 379 11.70 -13.62 2.03
N ARG C 380 11.40 -12.67 2.91
CA ARG C 380 12.25 -11.49 3.11
C ARG C 380 13.64 -11.85 3.66
N LYS C 381 14.62 -10.96 3.45
CA LYS C 381 15.95 -11.14 4.04
C LYS C 381 16.04 -10.49 5.42
N PHE C 382 15.22 -9.47 5.63
CA PHE C 382 15.14 -8.78 6.92
C PHE C 382 13.67 -8.68 7.33
N THR C 383 13.41 -8.50 8.62
CA THR C 383 12.04 -8.42 9.10
C THR C 383 11.78 -7.21 10.00
N THR C 384 12.79 -6.36 10.17
CA THR C 384 12.62 -5.11 10.93
C THR C 384 13.17 -3.96 10.12
N PRO C 385 12.64 -2.77 10.36
CA PRO C 385 13.14 -1.62 9.62
C PRO C 385 14.60 -1.34 9.96
N GLU C 386 15.01 -1.64 11.19
CA GLU C 386 16.41 -1.45 11.56
C GLU C 386 17.31 -2.28 10.64
N GLU C 387 16.98 -3.56 10.47
CA GLU C 387 17.79 -4.45 9.65
C GLU C 387 17.59 -4.22 8.17
N GLY C 388 16.49 -3.56 7.82
CA GLY C 388 16.23 -3.19 6.45
C GLY C 388 17.12 -2.04 6.02
N VAL C 389 17.16 -1.02 6.85
CA VAL C 389 17.95 0.16 6.54
C VAL C 389 19.41 -0.23 6.53
N ARG C 390 19.80 -1.08 7.47
CA ARG C 390 21.19 -1.50 7.55
C ARG C 390 21.63 -2.09 6.22
N SER C 391 20.81 -2.98 5.69
CA SER C 391 21.06 -3.61 4.39
C SER C 391 21.09 -2.58 3.27
N TYR C 392 20.11 -1.68 3.26
CA TYR C 392 19.98 -0.69 2.19
C TYR C 392 21.15 0.27 2.19
N ALA C 393 21.57 0.70 3.38
CA ALA C 393 22.66 1.66 3.51
C ALA C 393 24.00 1.06 3.07
N SER C 394 24.22 -0.22 3.32
CA SER C 394 25.46 -0.87 2.95
C SER C 394 25.60 -1.04 1.45
N THR C 395 24.48 -1.20 0.75
CA THR C 395 24.52 -1.51 -0.68
C THR C 395 24.32 -0.25 -1.52
N HIS C 396 23.60 0.73 -0.98
CA HIS C 396 23.27 1.91 -1.75
C HIS C 396 23.90 3.16 -1.16
N TRP C 397 25.03 3.00 -0.47
CA TRP C 397 25.72 4.15 0.14
C TRP C 397 25.97 5.28 -0.87
N HIS C 398 26.14 4.92 -2.13
CA HIS C 398 26.53 5.87 -3.17
C HIS C 398 25.43 6.85 -3.57
N THR C 399 24.18 6.50 -3.29
CA THR C 399 23.07 7.36 -3.68
C THR C 399 22.62 8.28 -2.53
N LEU C 400 23.31 8.21 -1.39
CA LEU C 400 22.92 8.96 -0.20
C LEU C 400 23.62 10.32 -0.04
N GLY C 401 23.97 10.95 -1.17
CA GLY C 401 24.73 12.19 -1.16
C GLY C 401 26.23 11.90 -1.26
N LYS C 402 26.95 12.70 -2.05
CA LYS C 402 28.37 12.51 -2.31
C LYS C 402 29.22 12.23 -1.07
N ASN C 403 29.24 13.15 -0.13
CA ASN C 403 30.11 13.02 1.04
C ASN C 403 29.49 12.19 2.14
N VAL C 404 28.21 12.44 2.41
CA VAL C 404 27.47 11.65 3.39
C VAL C 404 27.54 10.17 3.04
N GLY C 405 27.39 9.87 1.74
CA GLY C 405 27.45 8.50 1.22
C GLY C 405 28.78 7.81 1.41
N GLU C 406 29.87 8.53 1.17
CA GLU C 406 31.20 8.00 1.42
C GLU C 406 31.38 7.69 2.91
N SER C 407 30.91 8.58 3.76
CA SER C 407 31.06 8.37 5.20
C SER C 407 30.30 7.12 5.67
N ILE C 408 29.12 6.89 5.08
CA ILE C 408 28.30 5.73 5.44
C ILE C 408 28.94 4.43 4.92
N ARG C 409 29.58 4.49 3.77
CA ARG C 409 30.29 3.33 3.24
C ARG C 409 31.42 2.91 4.17
N GLU C 410 32.10 3.89 4.77
CA GLU C 410 33.19 3.59 5.68
C GLU C 410 32.66 2.90 6.94
N TYR C 411 31.65 3.49 7.56
CA TYR C 411 31.04 2.91 8.74
C TYR C 411 29.79 3.68 9.13
N PHE C 412 28.79 2.94 9.60
CA PHE C 412 27.59 3.53 10.19
C PHE C 412 27.02 2.57 11.21
N GLU C 413 26.23 3.11 12.13
CA GLU C 413 25.53 2.32 13.13
C GLU C 413 24.03 2.53 13.00
N ILE C 414 23.25 1.53 13.37
CA ILE C 414 21.82 1.69 13.58
C ILE C 414 21.61 1.68 15.08
N ILE C 415 20.97 2.71 15.61
CA ILE C 415 20.80 2.83 17.05
C ILE C 415 19.32 3.00 17.38
N SER C 416 18.85 2.20 18.34
CA SER C 416 17.49 2.33 18.84
C SER C 416 17.52 2.03 20.33
N GLY C 417 16.34 1.88 20.92
CA GLY C 417 16.25 1.63 22.35
C GLY C 417 16.78 2.82 23.13
N GLU C 418 17.29 2.55 24.32
CA GLU C 418 17.75 3.61 25.19
C GLU C 418 19.09 4.16 24.72
N LYS C 419 19.82 3.35 23.96
CA LYS C 419 21.09 3.81 23.39
C LYS C 419 20.90 5.06 22.53
N LEU C 420 19.73 5.16 21.89
CA LEU C 420 19.40 6.30 21.03
C LEU C 420 19.09 7.56 21.83
N PHE C 421 18.44 7.39 22.99
CA PHE C 421 18.02 8.54 23.77
C PHE C 421 19.20 9.22 24.47
N LYS C 422 20.31 8.50 24.57
CA LYS C 422 21.54 9.07 25.11
C LYS C 422 22.25 9.98 24.10
N GLU C 423 22.04 9.74 22.81
CA GLU C 423 22.67 10.57 21.79
C GLU C 423 21.99 11.91 21.80
N PRO C 424 22.67 12.96 21.30
CA PRO C 424 22.16 14.34 21.32
C PRO C 424 21.08 14.63 20.27
N VAL C 425 19.99 13.86 20.31
CA VAL C 425 18.97 13.89 19.28
C VAL C 425 17.56 14.03 19.85
N THR C 426 17.45 14.09 21.17
CA THR C 426 16.14 14.10 21.81
C THR C 426 15.29 15.32 21.40
N ALA C 427 15.92 16.47 21.15
CA ALA C 427 15.15 17.63 20.71
C ALA C 427 14.51 17.41 19.35
N GLU C 428 15.27 16.80 18.43
CA GLU C 428 14.75 16.55 17.09
C GLU C 428 13.70 15.43 17.10
N LEU C 429 13.85 14.46 18.00
CA LEU C 429 12.88 13.38 18.15
C LEU C 429 11.55 13.90 18.68
N CYS C 430 11.61 14.82 19.64
CA CYS C 430 10.39 15.42 20.18
C CYS C 430 9.66 16.20 19.12
N GLU C 431 10.39 16.97 18.33
CA GLU C 431 9.78 17.75 17.26
C GLU C 431 9.15 16.79 16.23
N MET C 432 9.91 15.77 15.85
CA MET C 432 9.46 14.81 14.86
C MET C 432 8.12 14.19 15.29
N MET C 433 8.06 13.77 16.54
CA MET C 433 6.88 13.14 17.12
C MET C 433 5.77 14.09 17.57
N GLY C 434 5.99 15.39 17.43
CA GLY C 434 5.00 16.36 17.85
C GLY C 434 4.69 16.32 19.34
N VAL C 435 5.69 15.97 20.14
CA VAL C 435 5.60 16.07 21.59
C VAL C 435 5.40 17.51 22.04
N LYS C 436 4.49 17.70 23.00
CA LYS C 436 4.20 19.02 23.53
C LYS C 436 4.47 19.09 25.03
N ASP C 437 4.55 20.31 25.54
CA ASP C 437 4.79 20.53 26.96
C ASP C 437 3.54 20.20 27.77
PG APC E . -22.66 -37.33 -12.69
O1G APC E . -22.06 -36.26 -11.79
O2G APC E . -23.65 -38.18 -11.93
O3G APC E . -21.54 -38.21 -13.19
PB APC E . -24.84 -36.05 -13.93
O1B APC E . -25.90 -37.09 -13.68
O2B APC E . -25.09 -35.33 -15.22
O3B APC E . -23.38 -36.64 -13.94
PA APC E . -26.62 -34.50 -11.91
O1A APC E . -26.51 -33.54 -10.72
O2A APC E . -27.16 -35.84 -11.44
C3A APC E . -24.92 -34.76 -12.61
O5' APC E . -27.51 -33.86 -13.05
C5' APC E . -28.15 -34.70 -14.03
C4' APC E . -28.58 -33.92 -15.21
O4' APC E . -29.38 -32.71 -14.81
C3' APC E . -27.41 -33.44 -15.98
O3' APC E . -27.00 -34.37 -17.02
C2' APC E . -27.84 -32.17 -16.57
O2' APC E . -28.62 -32.36 -17.77
C1' APC E . -28.72 -31.57 -15.55
N9 APC E . -28.02 -30.71 -14.70
C8 APC E . -27.89 -30.83 -13.37
N7 APC E . -27.18 -29.81 -12.87
C5 APC E . -26.85 -29.00 -13.88
C6 APC E . -26.14 -27.82 -13.96
N6 APC E . -25.61 -27.27 -12.79
N1 APC E . -25.95 -27.22 -15.15
C2 APC E . -26.46 -27.75 -16.30
N3 APC E . -27.18 -28.91 -16.25
C4 APC E . -27.38 -29.55 -15.07
H3A1 APC E . -24.33 -35.04 -11.87
H3A2 APC E . -24.57 -33.90 -12.97
H5'1 APC E . -27.52 -35.38 -14.31
H5'2 APC E . -28.93 -35.14 -13.62
H4' APC E . -29.13 -34.50 -15.78
H3' APC E . -26.66 -33.28 -15.37
HO3' APC E . -26.27 -34.07 -17.40
H2' APC E . -27.07 -31.60 -16.73
HO2' APC E . -28.11 -32.15 -18.49
H1' APC E . -29.42 -31.05 -16.01
H8 APC E . -28.26 -31.55 -12.83
HN61 APC E . -25.75 -27.68 -11.99
HN62 APC E . -25.13 -26.49 -12.83
H2 APC E . -26.33 -27.30 -17.15
MG MG F . -26.60 -38.34 -11.77
O1 TAR G . -24.43 -15.50 -25.88
O11 TAR G . -23.95 -17.16 -27.22
C1 TAR G . -23.57 -16.23 -26.45
C2 TAR G . -22.08 -15.98 -26.20
O2 TAR G . -21.47 -15.45 -27.36
C3 TAR G . -21.92 -15.01 -25.05
O3 TAR G . -22.92 -14.02 -25.14
C4 TAR G . -20.56 -14.32 -25.03
O4 TAR G . -19.73 -14.50 -24.09
O41 TAR G . -20.28 -13.52 -25.97
H2 TAR G . -21.65 -16.83 -25.97
HO2 TAR G . -21.01 -16.10 -27.77
H3 TAR G . -22.03 -15.49 -24.21
HO3 TAR G . -22.94 -13.55 -24.38
O1 TAR H . -4.51 3.46 8.98
O11 TAR H . -5.41 4.97 7.66
C1 TAR H . -5.52 4.11 8.59
C2 TAR H . -6.89 3.83 9.22
O2 TAR H . -7.25 2.52 8.83
C3 TAR H . -6.87 3.93 10.74
O3 TAR H . -5.94 3.00 11.24
C4 TAR H . -8.22 3.62 11.38
O4 TAR H . -8.29 2.80 12.34
O41 TAR H . -9.27 4.20 10.98
H2 TAR H . -7.54 4.46 8.86
HO2 TAR H . -7.65 2.54 8.04
H3 TAR H . -6.59 4.84 10.99
HO3 TAR H . -5.53 3.34 11.95
O1 MES I . -37.86 -25.72 0.92
C2 MES I . -37.09 -24.62 0.42
C3 MES I . -35.98 -24.19 1.41
N4 MES I . -35.63 -25.37 2.20
C5 MES I . -36.68 -25.82 3.10
C6 MES I . -38.00 -25.65 2.34
C7 MES I . -34.24 -25.45 2.71
C8 MES I . -33.86 -24.33 3.67
S MES I . -32.29 -24.49 4.19
O1S MES I . -32.15 -23.52 5.29
O2S MES I . -32.05 -25.87 4.70
O3S MES I . -31.26 -24.15 3.19
H21 MES I . -37.75 -23.77 0.26
H22 MES I . -36.64 -24.87 -0.54
H31 MES I . -36.34 -23.39 2.05
H32 MES I . -35.11 -23.85 0.85
HN4 MES I . -35.63 -26.09 1.51
H51 MES I . -36.54 -26.87 3.37
H52 MES I . -36.68 -25.22 4.01
H61 MES I . -38.44 -24.69 2.61
H62 MES I . -38.71 -26.42 2.68
H71 MES I . -34.10 -26.40 3.21
H72 MES I . -33.56 -25.42 1.85
H81 MES I . -34.54 -24.34 4.53
H82 MES I . -33.98 -23.36 3.17
O1 TAR J . -21.98 2.84 11.49
O11 TAR J . -22.21 2.93 9.33
C1 TAR J . -21.58 2.50 10.34
C2 TAR J . -20.35 1.59 10.18
O2 TAR J . -19.64 1.90 8.99
C3 TAR J . -19.41 1.72 11.38
O3 TAR J . -19.43 3.05 11.86
C4 TAR J . -17.97 1.33 11.09
O4 TAR J . -17.16 1.26 12.05
O41 TAR J . -17.57 1.08 9.91
H2 TAR J . -20.66 0.66 10.12
HO2 TAR J . -20.05 1.52 8.30
H3 TAR J . -19.75 1.13 12.09
HO3 TAR J . -19.20 3.05 12.71
P 5GP K . -8.50 15.38 -4.34
O1P 5GP K . -7.26 15.24 -3.49
O2P 5GP K . -8.22 15.76 -5.78
O3P 5GP K . -9.62 16.19 -3.74
O5' 5GP K . -9.10 13.90 -4.41
C5' 5GP K . -9.02 13.00 -3.30
C4' 5GP K . -10.41 12.65 -2.84
O4' 5GP K . -10.35 11.83 -1.65
C3' 5GP K . -11.21 13.89 -2.46
O3' 5GP K . -12.16 14.20 -3.49
C2' 5GP K . -11.95 13.50 -1.17
O2' 5GP K . -13.36 13.65 -1.24
C1' 5GP K . -11.54 12.04 -0.92
N9 5GP K . -11.32 11.69 0.49
C8 5GP K . -10.44 10.80 0.99
N7 5GP K . -10.60 10.74 2.34
C5 5GP K . -11.59 11.57 2.69
C6 5GP K . -12.19 11.93 3.89
O6 5GP K . -11.82 11.43 4.98
N1 5GP K . -13.19 12.82 3.89
C2 5GP K . -13.62 13.37 2.75
N2 5GP K . -14.64 14.28 2.72
N3 5GP K . -13.05 13.04 1.58
C4 5GP K . -12.04 12.15 1.52
H5'1 5GP K . -8.47 13.47 -2.49
H5'2 5GP K . -8.50 12.09 -3.60
H4' 5GP K . -10.94 12.12 -3.65
H3' 5GP K . -10.54 14.73 -2.27
H2' 5GP K . -11.56 14.11 -0.34
HO2' 5GP K . -13.77 13.32 -0.44
H1' 5GP K . -12.32 11.38 -1.33
H8 5GP K . -9.72 10.24 0.42
HN1 5GP K . -13.64 13.08 4.79
HN21 5GP K . -15.09 14.56 3.58
HN22 5GP K . -14.94 14.68 1.84
O5' 5GP L . -12.91 17.54 -5.84
C5' 5GP L . -11.81 17.59 -4.93
C4' 5GP L . -11.59 18.98 -4.40
O4' 5GP L . -11.39 18.87 -2.97
C3' 5GP L . -10.35 19.68 -4.96
O3' 5GP L . -10.75 20.61 -5.96
C2' 5GP L . -9.78 20.46 -3.77
O2' 5GP L . -9.98 21.86 -3.82
C1' 5GP L . -10.47 19.85 -2.53
N9 5GP L . -9.56 19.21 -1.57
C8 5GP L . -8.59 18.30 -1.81
N7 5GP L . -8.00 17.98 -0.64
C5 5GP L . -8.62 18.68 0.33
C6 5GP L . -8.43 18.75 1.69
O6 5GP L . -7.55 18.06 2.24
N1 5GP L . -9.22 19.56 2.41
C2 5GP L . -10.16 20.30 1.84
N2 5GP L . -10.93 21.12 2.61
N3 5GP L . -10.36 20.26 0.51
C4 5GP L . -9.59 19.45 -0.26
H5'1 5GP L . -10.91 17.24 -5.45
H5'2 5GP L . -12.01 16.90 -4.10
H4' 5GP L . -12.48 19.59 -4.61
H3' 5GP L . -9.63 18.94 -5.34
H2' 5GP L . -8.71 20.24 -3.70
HO2' 5GP L . -9.66 22.27 -3.00
H1' 5GP L . -11.01 20.65 -2.02
H8 5GP L . -8.33 17.91 -2.79
HN1 5GP L . -9.09 19.61 3.44
PG APC M . 21.71 40.25 8.47
O1G APC M . 20.91 41.28 9.25
O2G APC M . 23.19 40.43 8.67
O3G APC M . 21.30 38.88 8.99
PB APC M . 22.35 40.59 5.74
O1B APC M . 23.63 41.27 6.17
O2B APC M . 21.69 41.38 4.63
O3B APC M . 21.36 40.37 6.92
PA APC M . 24.37 38.66 4.44
O1A APC M . 25.35 39.25 5.42
O2A APC M . 24.61 37.16 4.25
C3A APC M . 22.65 38.90 5.07
O5' APC M . 24.51 39.36 3.03
C5' APC M . 24.59 40.79 2.96
C4' APC M . 24.02 41.20 1.69
O4' APC M . 24.43 40.23 0.62
C3' APC M . 22.54 41.18 1.74
O3' APC M . 21.99 42.45 2.17
C2' APC M . 22.14 40.88 0.38
O2' APC M . 22.10 42.11 -0.40
C1' APC M . 23.17 39.97 -0.18
N9 APC M . 22.80 38.62 -0.08
C8 APC M . 23.42 37.67 0.65
N7 APC M . 22.80 36.51 0.50
C5 APC M . 21.78 36.65 -0.32
C6 APC M . 20.81 35.78 -0.82
N6 APC M . 20.82 34.43 -0.44
N1 APC M . 19.88 36.24 -1.67
C2 APC M . 19.85 37.54 -2.04
N3 APC M . 20.78 38.41 -1.57
C4 APC M . 21.75 38.00 -0.73
H3A1 APC M . 22.51 38.26 5.80
H3A2 APC M . 21.98 38.69 4.35
H5'1 APC M . 24.09 41.18 3.69
H5'2 APC M . 25.54 41.07 3.02
H4' APC M . 24.33 42.10 1.46
H3' APC M . 22.25 40.47 2.33
HO3' APC M . 21.09 42.41 2.15
H2' APC M . 21.27 40.44 0.37
HO2' APC M . 21.28 42.23 -0.72
H1' APC M . 23.33 40.20 -1.12
H8 APC M . 24.19 37.83 1.20
HN61 APC M . 21.47 34.13 0.14
HN62 APC M . 20.19 33.86 -0.76
H2 APC M . 19.16 37.84 -2.65
MG MG N . 25.97 40.80 7.59
O1 TAR O . 9.00 -6.69 -0.14
O11 TAR O . 10.36 -5.58 -1.43
C1 TAR O . 10.10 -6.62 -0.76
C2 TAR O . 11.10 -7.77 -0.72
O2 TAR O . 11.96 -7.70 -1.85
C3 TAR O . 11.96 -7.77 0.54
O3 TAR O . 12.24 -6.44 0.85
C4 TAR O . 13.26 -8.55 0.39
O4 TAR O . 14.07 -8.64 1.36
O41 TAR O . 13.56 -9.13 -0.71
H2 TAR O . 10.61 -8.62 -0.76
HO2 TAR O . 11.52 -8.00 -2.57
H3 TAR O . 11.44 -8.17 1.27
HO3 TAR O . 12.41 -6.36 1.72
O5' 5GP P . -0.01 -1.42 -14.44
C5' 5GP P . 1.23 -2.05 -14.17
C4' 5GP P . 2.02 -2.29 -15.43
O4' 5GP P . 3.40 -1.85 -15.24
C3' 5GP P . 2.15 -3.74 -15.87
O3' 5GP P . 1.01 -4.23 -16.56
C2' 5GP P . 3.42 -3.71 -16.72
O2' 5GP P . 3.14 -3.22 -18.03
C1' 5GP P . 4.28 -2.69 -15.96
N9 5GP P . 5.22 -3.32 -15.00
C8 5GP P . 5.15 -3.27 -13.65
N7 5GP P . 6.20 -3.94 -13.11
C5 5GP P . 6.94 -4.43 -14.14
C6 5GP P . 8.10 -5.19 -14.21
O6 5GP P . 8.70 -5.58 -13.18
N1 5GP P . 8.60 -5.50 -15.42
C2 5GP P . 7.97 -5.11 -16.54
N2 5GP P . 8.48 -5.43 -17.75
N3 5GP P . 6.84 -4.37 -16.51
C4 5GP P . 6.31 -4.02 -15.32
H5'1 5GP P . 1.07 -2.99 -13.65
H5'2 5GP P . 1.82 -1.41 -13.50
H4' 5GP P . 1.56 -1.71 -16.25
H3' 5GP P . 2.35 -4.36 -14.98
HO3' 5GP P . 1.19 -5.12 -16.87
H2' 5GP P . 3.90 -4.69 -16.74
HO2' 5GP P . 3.96 -3.13 -18.53
H1' 5GP P . 4.84 -2.09 -16.69
H8 5GP P . 4.38 -2.76 -13.09
HN1 5GP P . 9.47 -6.07 -15.49
#